data_9KYB
#
_entry.id   9KYB
#
_cell.length_a   1.00
_cell.length_b   1.00
_cell.length_c   1.00
_cell.angle_alpha   90.00
_cell.angle_beta   90.00
_cell.angle_gamma   90.00
#
_symmetry.space_group_name_H-M   'P 1'
#
loop_
_entity.id
_entity.type
_entity.pdbx_description
1 polymer 'Pertussis toxin-like subunit ArtA'
2 polymer 'Subtilase cytotoxin subunit B'
3 polymer 'Subtilase cytotoxin subunit B'
4 water water
#
loop_
_entity_poly.entity_id
_entity_poly.type
_entity_poly.pdbx_seq_one_letter_code
_entity_poly.pdbx_strand_id
1 'polypeptide(L)'
;IDFVYRVDPNPPDVIFRDGFSLLGYNRDLQQLISGRSCAGGSSDSRYIVTTSDINKTYAIARAYYSHSKFKGNLYRYKIR
ADNNFYSLTPSVNYLESQGGHFNAYEKSMIRLQSEYVSTLSILPENIQKAVALVYDSSTGQIKDGTSTINTDYVSISSVS
NPGVIPFLPEPQANTQQRIDAFGSLISSCFSIYSVCQTHRGQKTEVYKMPFYDARPVIQFIISGN
;
B
2 'polypeptide(L)'
;EWTGDYENIGYFSHEVISEFHVGQIDGGAYFCIKAVKADGSRSTPLIACSVSNESVWAPSFKVLLEQARYFYVTEQSVRI
YYDHNVWTNQPFVNTFSTNALVGLSSCSAATDCFGPGKP
;
C,D,E
3 'polypeptide(L)'
;EWTGDSSINYYSDEVISDFHVGQFNRSAYFCIKTVKKSGEGTPIIACALSHDSKWIPSFNIMLEQARNFYITGHSIRVYV
QPNVWSNKSFIEALSSNALVGLSSCSTSECFGPVK
;
F,G
#
# COMPACT_ATOMS: atom_id res chain seq x y z
N ILE A 1 12.94 4.19 -24.60
CA ILE A 1 13.95 3.37 -23.95
C ILE A 1 14.55 2.38 -24.94
N ASP A 2 15.67 1.78 -24.57
CA ASP A 2 16.25 0.68 -25.31
C ASP A 2 16.68 -0.42 -24.36
N PHE A 3 16.73 -1.65 -24.88
CA PHE A 3 17.25 -2.81 -24.15
C PHE A 3 16.45 -3.08 -22.88
N VAL A 4 15.19 -3.45 -23.10
CA VAL A 4 14.32 -3.95 -22.04
C VAL A 4 14.79 -5.34 -21.62
N TYR A 5 14.24 -5.85 -20.53
CA TYR A 5 14.67 -7.13 -19.97
C TYR A 5 13.46 -8.05 -19.79
N ARG A 6 13.72 -9.36 -19.86
CA ARG A 6 12.67 -10.33 -19.63
C ARG A 6 13.24 -11.56 -18.93
N VAL A 7 12.55 -12.05 -17.91
CA VAL A 7 13.00 -13.23 -17.16
C VAL A 7 12.27 -14.45 -17.70
N ASP A 8 13.05 -15.47 -18.11
CA ASP A 8 12.50 -16.68 -18.70
C ASP A 8 13.21 -17.90 -18.13
N PRO A 9 12.49 -19.00 -17.89
CA PRO A 9 13.15 -20.21 -17.41
C PRO A 9 13.86 -21.01 -18.49
N ASN A 10 13.49 -20.82 -19.76
CA ASN A 10 14.12 -21.59 -20.83
C ASN A 10 15.58 -21.19 -21.00
N PRO A 11 16.45 -22.14 -21.34
CA PRO A 11 17.87 -21.83 -21.49
C PRO A 11 18.10 -20.94 -22.70
N PRO A 12 19.25 -20.27 -22.78
CA PRO A 12 19.51 -19.36 -23.90
C PRO A 12 19.39 -20.02 -25.26
N ASP A 13 19.63 -21.32 -25.38
CA ASP A 13 19.48 -21.98 -26.67
C ASP A 13 18.04 -21.89 -27.17
N VAL A 14 17.08 -22.24 -26.32
CA VAL A 14 15.68 -22.27 -26.73
C VAL A 14 15.20 -20.87 -27.11
N ILE A 15 15.53 -19.88 -26.27
CA ILE A 15 15.04 -18.52 -26.52
C ILE A 15 15.75 -17.91 -27.73
N PHE A 16 17.05 -18.14 -27.87
CA PHE A 16 17.77 -17.65 -29.04
C PHE A 16 17.32 -18.34 -30.32
N ARG A 17 16.71 -19.51 -30.22
CA ARG A 17 16.13 -20.14 -31.39
C ARG A 17 14.73 -19.64 -31.69
N ASP A 18 13.94 -19.36 -30.64
CA ASP A 18 12.52 -19.05 -30.81
C ASP A 18 12.13 -17.66 -30.35
N GLY A 19 12.85 -17.06 -29.41
CA GLY A 19 12.42 -15.77 -28.90
C GLY A 19 11.20 -15.90 -28.00
N PHE A 20 10.40 -14.85 -27.96
CA PHE A 20 9.17 -14.81 -27.17
C PHE A 20 7.98 -14.62 -28.10
N SER A 21 6.92 -15.36 -27.84
CA SER A 21 5.72 -15.34 -28.68
C SER A 21 4.52 -14.89 -27.86
N LEU A 22 3.56 -14.27 -28.55
CA LEU A 22 2.37 -13.73 -27.89
C LEU A 22 1.48 -14.86 -27.36
N LEU A 23 0.94 -14.65 -26.17
CA LEU A 23 0.05 -15.63 -25.57
C LEU A 23 -1.23 -15.78 -26.37
N GLY A 24 -1.82 -14.67 -26.81
CA GLY A 24 -3.07 -14.71 -27.55
C GLY A 24 -3.32 -13.46 -28.37
N TYR A 25 -4.58 -13.04 -28.47
CA TYR A 25 -4.96 -11.89 -29.27
C TYR A 25 -5.66 -10.80 -28.47
N ASN A 26 -5.68 -10.91 -27.15
CA ASN A 26 -6.36 -9.91 -26.32
C ASN A 26 -5.54 -8.64 -26.29
N ARG A 27 -6.00 -7.61 -26.98
CA ARG A 27 -5.30 -6.34 -27.07
C ARG A 27 -5.68 -5.35 -25.97
N ASP A 28 -6.67 -5.67 -25.14
CA ASP A 28 -7.17 -4.70 -24.16
C ASP A 28 -6.06 -4.36 -23.17
N LEU A 29 -5.82 -3.05 -22.99
CA LEU A 29 -4.73 -2.61 -22.13
C LEU A 29 -5.07 -2.74 -20.66
N GLN A 30 -6.34 -2.52 -20.30
CA GLN A 30 -6.72 -2.65 -18.89
C GLN A 30 -6.56 -4.09 -18.41
N GLN A 31 -6.96 -5.06 -19.22
CA GLN A 31 -6.79 -6.46 -18.83
C GLN A 31 -5.32 -6.83 -18.75
N LEU A 32 -4.47 -6.19 -19.56
CA LEU A 32 -3.04 -6.43 -19.47
C LEU A 32 -2.47 -5.85 -18.19
N ILE A 33 -2.80 -4.60 -17.87
CA ILE A 33 -2.26 -3.95 -16.69
C ILE A 33 -2.74 -4.65 -15.43
N SER A 34 -4.02 -4.99 -15.36
CA SER A 34 -4.56 -5.70 -14.21
C SER A 34 -4.20 -7.18 -14.21
N GLY A 35 -3.68 -7.71 -15.31
CA GLY A 35 -3.26 -9.09 -15.38
C GLY A 35 -4.34 -10.09 -15.74
N ARG A 36 -5.54 -9.63 -16.10
CA ARG A 36 -6.61 -10.56 -16.46
C ARG A 36 -6.31 -11.28 -17.77
N SER A 37 -5.68 -10.58 -18.73
CA SER A 37 -5.34 -11.21 -20.01
C SER A 37 -4.05 -12.00 -19.94
N CYS A 38 -3.32 -11.96 -18.83
CA CYS A 38 -2.05 -12.65 -18.68
C CYS A 38 -2.26 -13.98 -17.95
N ALA A 39 -1.16 -14.60 -17.54
CA ALA A 39 -1.21 -15.95 -16.99
C ALA A 39 -2.12 -16.05 -15.78
N GLY A 40 -2.29 -14.96 -15.03
CA GLY A 40 -3.17 -15.00 -13.87
C GLY A 40 -4.62 -15.21 -14.25
N GLY A 41 -5.06 -14.65 -15.37
CA GLY A 41 -6.44 -14.74 -15.76
C GLY A 41 -6.70 -15.51 -17.05
N SER A 42 -7.05 -14.75 -18.08
CA SER A 42 -7.49 -15.28 -19.40
C SER A 42 -6.37 -15.95 -20.14
N SER A 43 -5.16 -15.43 -19.93
CA SER A 43 -3.93 -15.97 -20.54
C SER A 43 -3.99 -15.96 -22.07
N ASP A 44 -4.42 -14.82 -22.62
CA ASP A 44 -4.42 -14.67 -24.08
C ASP A 44 -3.97 -13.26 -24.49
N SER A 45 -3.08 -12.66 -23.71
CA SER A 45 -2.64 -11.31 -24.01
C SER A 45 -1.87 -11.27 -25.33
N ARG A 46 -2.13 -10.21 -26.12
CA ARG A 46 -1.42 -9.98 -27.37
C ARG A 46 -0.21 -9.08 -27.19
N TYR A 47 0.38 -9.09 -26.00
CA TYR A 47 1.57 -8.31 -25.70
C TYR A 47 2.60 -9.21 -25.03
N ILE A 48 3.87 -8.91 -25.25
CA ILE A 48 4.96 -9.47 -24.45
C ILE A 48 5.45 -8.37 -23.54
N VAL A 49 5.30 -8.58 -22.24
CA VAL A 49 5.64 -7.56 -21.25
C VAL A 49 7.09 -7.71 -20.85
N THR A 50 7.84 -6.61 -20.89
CA THR A 50 9.23 -6.54 -20.50
C THR A 50 9.40 -5.32 -19.60
N THR A 51 10.55 -5.26 -18.94
CA THR A 51 10.87 -4.12 -18.09
C THR A 51 12.21 -3.54 -18.50
N SER A 52 12.30 -2.21 -18.45
CA SER A 52 13.57 -1.53 -18.68
C SER A 52 14.42 -1.46 -17.43
N ASP A 53 13.91 -1.88 -16.28
CA ASP A 53 14.61 -1.79 -15.01
C ASP A 53 15.22 -3.15 -14.68
N ILE A 54 16.54 -3.17 -14.47
CA ILE A 54 17.22 -4.39 -14.08
C ILE A 54 16.76 -4.83 -12.69
N ASN A 55 16.40 -3.88 -11.84
CA ASN A 55 15.96 -4.20 -10.49
C ASN A 55 14.66 -4.98 -10.50
N LYS A 56 13.77 -4.69 -11.46
CA LYS A 56 12.55 -5.48 -11.58
C LYS A 56 12.85 -6.93 -11.95
N THR A 57 13.86 -7.14 -12.82
CA THR A 57 14.30 -8.49 -13.12
C THR A 57 14.82 -9.19 -11.86
N TYR A 58 15.61 -8.48 -11.05
CA TYR A 58 16.08 -9.07 -9.80
C TYR A 58 14.92 -9.41 -8.89
N ALA A 59 13.89 -8.56 -8.84
CA ALA A 59 12.73 -8.84 -8.01
C ALA A 59 11.97 -10.08 -8.51
N ILE A 60 11.82 -10.22 -9.83
CA ILE A 60 11.15 -11.39 -10.38
C ILE A 60 11.92 -12.66 -10.02
N ALA A 61 13.23 -12.63 -10.20
CA ALA A 61 14.06 -13.78 -9.85
C ALA A 61 13.95 -14.08 -8.36
N ARG A 62 13.95 -13.03 -7.53
CA ARG A 62 13.81 -13.22 -6.08
C ARG A 62 12.50 -13.91 -5.75
N ALA A 63 11.40 -13.47 -6.34
CA ALA A 63 10.11 -14.07 -6.05
C ALA A 63 10.08 -15.54 -6.47
N TYR A 64 10.54 -15.83 -7.69
CA TYR A 64 10.47 -17.22 -8.16
C TYR A 64 11.40 -18.12 -7.37
N TYR A 65 12.60 -17.65 -7.02
CA TYR A 65 13.53 -18.46 -6.24
C TYR A 65 13.17 -18.52 -4.77
N SER A 66 12.28 -17.65 -4.29
CA SER A 66 11.86 -17.66 -2.90
C SER A 66 10.55 -18.39 -2.66
N HIS A 67 9.75 -18.62 -3.71
CA HIS A 67 8.53 -19.39 -3.49
C HIS A 67 8.81 -20.85 -3.13
N SER A 68 10.00 -21.35 -3.46
CA SER A 68 10.53 -22.62 -2.96
C SER A 68 9.82 -23.84 -3.56
N LYS A 69 8.74 -23.61 -4.30
CA LYS A 69 8.16 -24.65 -5.13
C LYS A 69 8.68 -24.61 -6.56
N PHE A 70 9.39 -23.53 -6.91
CA PHE A 70 9.92 -23.38 -8.25
C PHE A 70 11.28 -24.06 -8.36
N LYS A 71 11.43 -24.93 -9.35
CA LYS A 71 12.68 -25.61 -9.62
C LYS A 71 13.12 -25.31 -11.05
N GLY A 72 14.42 -25.12 -11.22
CA GLY A 72 15.00 -24.80 -12.51
C GLY A 72 15.78 -23.51 -12.47
N ASN A 73 16.33 -23.16 -13.62
CA ASN A 73 17.14 -21.95 -13.77
C ASN A 73 16.34 -20.83 -14.40
N LEU A 74 16.73 -19.61 -14.08
CA LEU A 74 16.14 -18.41 -14.66
C LEU A 74 17.21 -17.63 -15.41
N TYR A 75 16.80 -17.00 -16.50
CA TYR A 75 17.70 -16.20 -17.31
C TYR A 75 17.07 -14.86 -17.59
N ARG A 76 17.86 -13.80 -17.45
CA ARG A 76 17.46 -12.47 -17.89
C ARG A 76 17.92 -12.28 -19.32
N TYR A 77 16.98 -12.11 -20.23
CA TYR A 77 17.26 -11.85 -21.63
C TYR A 77 17.18 -10.35 -21.88
N LYS A 78 18.20 -9.82 -22.54
CA LYS A 78 18.35 -8.39 -22.79
C LYS A 78 17.92 -8.13 -24.22
N ILE A 79 16.73 -7.56 -24.40
CA ILE A 79 16.10 -7.40 -25.70
C ILE A 79 16.25 -5.96 -26.15
N ARG A 80 16.74 -5.77 -27.38
CA ARG A 80 16.71 -4.44 -27.98
C ARG A 80 15.27 -4.04 -28.27
N ALA A 81 14.91 -2.82 -27.90
CA ALA A 81 13.56 -2.32 -28.06
C ALA A 81 13.44 -1.64 -29.42
N ASP A 82 12.66 -2.24 -30.31
CA ASP A 82 12.41 -1.69 -31.63
C ASP A 82 11.16 -0.83 -31.62
N ASN A 83 10.64 -0.48 -32.81
CA ASN A 83 9.47 0.37 -32.92
C ASN A 83 8.18 -0.32 -32.47
N ASN A 84 8.21 -1.62 -32.22
CA ASN A 84 7.04 -2.34 -31.73
C ASN A 84 6.97 -2.38 -30.21
N PHE A 85 7.90 -1.74 -29.52
CA PHE A 85 7.92 -1.68 -28.06
C PHE A 85 7.33 -0.34 -27.63
N TYR A 86 6.29 -0.38 -26.82
CA TYR A 86 5.56 0.80 -26.38
C TYR A 86 5.56 0.90 -24.87
N SER A 87 5.74 2.11 -24.35
CA SER A 87 5.52 2.37 -22.95
C SER A 87 4.03 2.37 -22.64
N LEU A 88 3.69 1.96 -21.43
CA LEU A 88 2.28 1.89 -21.05
C LEU A 88 1.68 3.28 -20.88
N THR A 89 2.46 4.23 -20.39
CA THR A 89 1.90 5.53 -20.00
C THR A 89 1.24 6.29 -21.15
N PRO A 90 1.85 6.44 -22.34
CA PRO A 90 1.13 7.17 -23.41
C PRO A 90 -0.18 6.52 -23.79
N SER A 91 -0.22 5.19 -23.87
CA SER A 91 -1.46 4.51 -24.21
C SER A 91 -2.50 4.63 -23.11
N VAL A 92 -2.07 4.61 -21.85
CA VAL A 92 -2.99 4.81 -20.74
C VAL A 92 -3.58 6.22 -20.78
N ASN A 93 -2.74 7.23 -21.07
CA ASN A 93 -3.24 8.59 -21.21
C ASN A 93 -4.23 8.70 -22.37
N TYR A 94 -3.93 8.04 -23.49
CA TYR A 94 -4.85 8.06 -24.62
C TYR A 94 -6.18 7.41 -24.26
N LEU A 95 -6.14 6.27 -23.57
CA LEU A 95 -7.38 5.59 -23.18
C LEU A 95 -8.18 6.43 -22.19
N GLU A 96 -7.49 7.11 -21.27
CA GLU A 96 -8.18 8.02 -20.36
C GLU A 96 -8.83 9.16 -21.12
N SER A 97 -8.15 9.70 -22.13
CA SER A 97 -8.74 10.74 -22.96
C SER A 97 -9.94 10.23 -23.75
N GLN A 98 -9.97 8.92 -24.04
CA GLN A 98 -11.05 8.30 -24.80
C GLN A 98 -12.17 7.79 -23.91
N GLY A 99 -12.32 8.33 -22.70
CA GLY A 99 -13.37 7.93 -21.79
C GLY A 99 -13.01 6.83 -20.83
N GLY A 100 -11.84 6.21 -20.98
CA GLY A 100 -11.43 5.18 -20.05
C GLY A 100 -11.02 5.74 -18.69
N HIS A 101 -11.10 4.88 -17.69
CA HIS A 101 -10.75 5.25 -16.32
C HIS A 101 -9.71 4.28 -15.79
N PHE A 102 -8.58 4.81 -15.35
CA PHE A 102 -7.54 4.04 -14.68
C PHE A 102 -7.44 4.58 -13.26
N ASN A 103 -7.83 3.76 -12.28
CA ASN A 103 -7.80 4.22 -10.90
C ASN A 103 -6.36 4.32 -10.41
N ALA A 104 -6.20 4.84 -9.19
CA ALA A 104 -4.86 5.05 -8.64
C ALA A 104 -4.13 3.73 -8.42
N TYR A 105 -4.87 2.63 -8.24
CA TYR A 105 -4.23 1.32 -8.13
C TYR A 105 -3.47 0.98 -9.40
N GLU A 106 -4.11 1.14 -10.55
CA GLU A 106 -3.45 0.86 -11.83
C GLU A 106 -2.31 1.83 -12.07
N LYS A 107 -2.49 3.11 -11.73
CA LYS A 107 -1.42 4.09 -11.91
C LYS A 107 -0.19 3.71 -11.09
N SER A 108 -0.40 3.36 -9.82
CA SER A 108 0.71 2.97 -8.97
C SER A 108 1.39 1.71 -9.48
N MET A 109 0.59 0.73 -9.91
CA MET A 109 1.18 -0.52 -10.41
C MET A 109 2.00 -0.27 -11.66
N ILE A 110 1.48 0.54 -12.58
CA ILE A 110 2.22 0.87 -13.80
C ILE A 110 3.52 1.58 -13.46
N ARG A 111 3.46 2.53 -12.52
CA ARG A 111 4.67 3.24 -12.11
C ARG A 111 5.70 2.27 -11.52
N LEU A 112 5.22 1.26 -10.80
CA LEU A 112 6.14 0.30 -10.20
C LEU A 112 6.75 -0.65 -11.23
N GLN A 113 5.99 -1.00 -12.28
CA GLN A 113 6.48 -2.03 -13.20
C GLN A 113 7.60 -1.54 -14.10
N SER A 114 7.60 -0.27 -14.48
CA SER A 114 8.49 0.25 -15.53
C SER A 114 8.33 -0.57 -16.80
N GLU A 115 7.09 -0.69 -17.25
CA GLU A 115 6.68 -1.69 -18.21
C GLU A 115 6.81 -1.19 -19.65
N TYR A 116 7.26 -2.09 -20.53
CA TYR A 116 7.25 -1.87 -21.96
C TYR A 116 6.67 -3.10 -22.63
N VAL A 117 5.69 -2.90 -23.50
CA VAL A 117 4.97 -4.02 -24.12
C VAL A 117 5.35 -4.10 -25.58
N SER A 118 5.66 -5.31 -26.04
CA SER A 118 5.87 -5.59 -27.44
C SER A 118 4.55 -6.11 -28.03
N THR A 119 3.99 -5.37 -28.98
CA THR A 119 2.77 -5.80 -29.62
C THR A 119 2.98 -7.00 -30.52
N LEU A 120 4.20 -7.22 -31.00
CA LEU A 120 4.55 -8.37 -31.81
C LEU A 120 5.37 -9.36 -30.98
N SER A 121 5.56 -10.55 -31.55
CA SER A 121 6.45 -11.52 -30.93
C SER A 121 7.88 -11.01 -30.95
N ILE A 122 8.60 -11.23 -29.86
CA ILE A 122 9.99 -10.79 -29.77
C ILE A 122 10.85 -11.78 -30.55
N LEU A 123 11.39 -11.33 -31.68
CA LEU A 123 12.22 -12.18 -32.51
C LEU A 123 13.57 -12.42 -31.85
N PRO A 124 14.22 -13.55 -32.15
CA PRO A 124 15.56 -13.80 -31.59
C PRO A 124 16.59 -12.76 -31.99
N GLU A 125 16.38 -12.07 -33.12
CA GLU A 125 17.32 -11.05 -33.57
C GLU A 125 17.34 -9.84 -32.65
N ASN A 126 16.32 -9.66 -31.81
CA ASN A 126 16.24 -8.51 -30.91
C ASN A 126 16.88 -8.79 -29.55
N ILE A 127 17.31 -10.00 -29.28
CA ILE A 127 17.79 -10.40 -27.97
C ILE A 127 19.31 -10.37 -27.97
N GLN A 128 19.89 -9.49 -27.16
CA GLN A 128 21.34 -9.41 -27.07
C GLN A 128 21.94 -10.64 -26.39
N LYS A 129 21.59 -10.85 -25.12
CA LYS A 129 22.28 -11.86 -24.33
C LYS A 129 21.37 -12.38 -23.23
N ALA A 130 21.75 -13.54 -22.70
CA ALA A 130 21.08 -14.18 -21.58
C ALA A 130 22.04 -14.25 -20.41
N VAL A 131 21.63 -13.70 -19.27
CA VAL A 131 22.41 -13.76 -18.05
C VAL A 131 21.73 -14.74 -17.10
N ALA A 132 22.41 -15.80 -16.74
CA ALA A 132 21.87 -16.76 -15.78
C ALA A 132 21.76 -16.11 -14.41
N LEU A 133 20.68 -16.43 -13.70
CA LEU A 133 20.43 -15.88 -12.38
C LEU A 133 20.61 -17.02 -11.38
N VAL A 134 21.82 -17.13 -10.85
CA VAL A 134 22.15 -18.22 -9.92
C VAL A 134 21.58 -17.89 -8.54
N TYR A 135 20.89 -18.86 -7.95
CA TYR A 135 20.28 -18.70 -6.63
C TYR A 135 21.07 -19.57 -5.65
N ASP A 136 22.11 -18.98 -5.06
CA ASP A 136 22.84 -19.69 -4.01
C ASP A 136 22.02 -19.70 -2.72
N SER A 137 21.97 -20.86 -2.06
CA SER A 137 21.20 -21.01 -0.85
C SER A 137 21.94 -20.53 0.39
N SER A 138 23.22 -20.16 0.27
CA SER A 138 23.98 -19.70 1.42
C SER A 138 23.39 -18.41 1.99
N THR A 139 23.40 -17.34 1.19
CA THR A 139 22.85 -16.06 1.60
C THR A 139 21.48 -15.77 0.98
N GLY A 140 20.98 -16.67 0.14
CA GLY A 140 19.67 -16.48 -0.47
C GLY A 140 19.57 -15.24 -1.34
N GLN A 141 20.60 -14.96 -2.13
CA GLN A 141 20.62 -13.81 -3.01
C GLN A 141 20.89 -14.27 -4.44
N ILE A 142 20.34 -13.53 -5.39
CA ILE A 142 20.45 -13.88 -6.81
C ILE A 142 21.69 -13.21 -7.37
N LYS A 143 22.58 -14.01 -7.96
CA LYS A 143 23.81 -13.52 -8.56
C LYS A 143 23.69 -13.60 -10.07
N ASP A 144 24.12 -12.55 -10.77
CA ASP A 144 24.22 -12.62 -12.21
C ASP A 144 25.33 -13.59 -12.58
N GLY A 145 24.99 -14.56 -13.44
CA GLY A 145 25.90 -15.66 -13.73
C GLY A 145 26.48 -15.63 -15.13
N THR A 146 26.47 -16.78 -15.79
CA THR A 146 27.04 -16.88 -17.12
C THR A 146 26.27 -16.01 -18.10
N SER A 147 27.00 -15.24 -18.90
CA SER A 147 26.42 -14.36 -19.91
C SER A 147 26.65 -14.98 -21.28
N THR A 148 25.57 -15.43 -21.91
CA THR A 148 25.61 -16.03 -23.23
C THR A 148 25.20 -14.99 -24.26
N ILE A 149 26.07 -14.74 -25.22
CA ILE A 149 25.84 -13.73 -26.25
C ILE A 149 25.17 -14.39 -27.45
N ASN A 150 24.04 -13.84 -27.87
CA ASN A 150 23.36 -14.36 -29.05
C ASN A 150 24.15 -13.99 -30.30
N THR A 151 24.38 -14.99 -31.15
CA THR A 151 25.08 -14.77 -32.41
C THR A 151 24.15 -14.31 -33.52
N ASP A 152 22.84 -14.29 -33.28
CA ASP A 152 21.87 -13.81 -34.25
C ASP A 152 21.43 -12.38 -33.99
N TYR A 153 22.03 -11.70 -33.01
CA TYR A 153 21.68 -10.32 -32.74
C TYR A 153 22.17 -9.41 -33.86
N VAL A 154 21.39 -8.38 -34.17
CA VAL A 154 21.61 -7.57 -35.37
C VAL A 154 22.23 -6.22 -35.03
N SER A 155 21.89 -5.68 -33.86
CA SER A 155 22.32 -4.34 -33.43
C SER A 155 21.79 -3.27 -34.39
N ILE A 156 20.46 -3.21 -34.50
CA ILE A 156 19.82 -2.24 -35.37
C ILE A 156 19.86 -0.84 -34.75
N SER A 157 20.21 -0.73 -33.46
CA SER A 157 20.27 0.53 -32.74
C SER A 157 18.93 1.25 -32.66
N SER A 158 17.83 0.49 -32.65
CA SER A 158 16.51 1.07 -32.59
C SER A 158 16.18 1.50 -31.15
N VAL A 159 15.08 2.25 -31.02
CA VAL A 159 14.57 2.69 -29.73
C VAL A 159 13.10 2.33 -29.64
N SER A 160 12.60 2.26 -28.40
CA SER A 160 11.20 1.91 -28.19
C SER A 160 10.29 3.02 -28.72
N ASN A 161 9.10 2.61 -29.16
CA ASN A 161 8.15 3.56 -29.70
C ASN A 161 7.61 4.45 -28.60
N PRO A 162 7.77 5.78 -28.70
CA PRO A 162 7.24 6.68 -27.68
C PRO A 162 5.78 7.07 -27.88
N GLY A 163 5.07 6.43 -28.79
CA GLY A 163 3.71 6.78 -29.12
C GLY A 163 2.69 5.94 -28.36
N VAL A 164 1.53 5.75 -28.98
CA VAL A 164 0.41 5.05 -28.37
C VAL A 164 0.23 3.73 -29.10
N ILE A 165 -0.07 2.67 -28.35
CA ILE A 165 -0.26 1.35 -28.94
C ILE A 165 -1.38 1.43 -29.98
N PRO A 166 -1.15 1.02 -31.22
CA PRO A 166 -2.21 1.11 -32.23
C PRO A 166 -3.27 0.05 -32.03
N PHE A 167 -4.46 0.34 -32.55
CA PHE A 167 -5.60 -0.58 -32.54
C PHE A 167 -5.96 -1.01 -31.11
N LEU A 168 -5.86 -0.07 -30.18
CA LEU A 168 -6.26 -0.35 -28.81
C LEU A 168 -7.77 -0.56 -28.73
N PRO A 169 -8.23 -1.60 -28.06
CA PRO A 169 -9.68 -1.81 -27.92
C PRO A 169 -10.32 -0.68 -27.14
N GLU A 170 -11.62 -0.50 -27.36
CA GLU A 170 -12.34 0.57 -26.69
C GLU A 170 -12.30 0.35 -25.18
N PRO A 171 -11.97 1.39 -24.41
CA PRO A 171 -11.86 1.21 -22.95
C PRO A 171 -13.22 0.90 -22.34
N GLN A 172 -13.28 -0.20 -21.58
CA GLN A 172 -14.51 -0.62 -20.95
C GLN A 172 -14.81 0.22 -19.71
N ALA A 173 -16.07 0.25 -19.33
CA ALA A 173 -16.48 0.96 -18.11
C ALA A 173 -15.79 0.36 -16.90
N ASN A 174 -15.32 1.22 -16.01
CA ASN A 174 -14.54 0.76 -14.86
C ASN A 174 -15.41 -0.09 -13.94
N THR A 175 -14.81 -1.16 -13.41
CA THR A 175 -15.50 -2.05 -12.48
C THR A 175 -14.68 -2.31 -11.22
N GLN A 176 -13.55 -1.62 -11.06
CA GLN A 176 -12.66 -1.79 -9.90
C GLN A 176 -12.24 -3.25 -9.76
N GLN A 177 -11.58 -3.75 -10.80
CA GLN A 177 -11.23 -5.15 -10.90
C GLN A 177 -9.93 -5.47 -10.16
N ARG A 178 -9.72 -6.76 -9.92
CA ARG A 178 -8.52 -7.23 -9.25
C ARG A 178 -7.29 -7.06 -10.12
N ILE A 179 -6.20 -6.63 -9.51
CA ILE A 179 -4.92 -6.47 -10.20
C ILE A 179 -4.00 -7.59 -9.72
N ASP A 180 -3.62 -8.47 -10.65
CA ASP A 180 -2.84 -9.65 -10.31
C ASP A 180 -1.38 -9.27 -10.09
N ALA A 181 -0.84 -9.64 -8.93
CA ALA A 181 0.54 -9.33 -8.59
C ALA A 181 1.16 -10.52 -7.89
N PHE A 182 2.48 -10.63 -8.02
CA PHE A 182 3.23 -11.66 -7.32
C PHE A 182 4.54 -11.06 -6.82
N GLY A 183 5.18 -11.76 -5.90
CA GLY A 183 6.40 -11.24 -5.31
C GLY A 183 6.13 -9.92 -4.62
N SER A 184 6.97 -8.93 -4.89
CA SER A 184 6.81 -7.60 -4.32
C SER A 184 6.18 -6.68 -5.36
N LEU A 185 4.86 -6.80 -5.50
CA LEU A 185 4.06 -5.97 -6.41
C LEU A 185 4.60 -6.04 -7.84
N ILE A 186 5.03 -7.22 -8.25
CA ILE A 186 5.39 -7.47 -9.64
C ILE A 186 4.15 -7.87 -10.39
N SER A 187 3.87 -7.19 -11.50
CA SER A 187 2.69 -7.49 -12.28
C SER A 187 2.75 -8.92 -12.81
N SER A 188 1.59 -9.58 -12.81
CA SER A 188 1.52 -10.98 -13.22
C SER A 188 1.97 -11.20 -14.65
N CYS A 189 2.00 -10.16 -15.48
N CYS A 189 1.98 -10.15 -15.47
CA CYS A 189 2.46 -10.31 -16.84
CA CYS A 189 2.47 -10.23 -16.83
C CYS A 189 3.98 -10.48 -16.93
C CYS A 189 3.97 -10.52 -16.91
N PHE A 190 4.69 -10.32 -15.81
CA PHE A 190 6.11 -10.64 -15.75
C PHE A 190 6.36 -12.10 -15.36
N SER A 191 5.30 -12.86 -15.10
CA SER A 191 5.46 -14.25 -14.70
C SER A 191 5.89 -15.10 -15.89
N ILE A 192 6.26 -16.34 -15.59
CA ILE A 192 6.82 -17.24 -16.61
C ILE A 192 5.79 -17.53 -17.69
N TYR A 193 4.56 -17.84 -17.28
CA TYR A 193 3.54 -18.30 -18.20
C TYR A 193 2.72 -17.17 -18.82
N SER A 194 3.10 -15.93 -18.56
CA SER A 194 2.46 -14.81 -19.25
C SER A 194 2.93 -14.68 -20.69
N VAL A 195 4.03 -15.35 -21.04
CA VAL A 195 4.43 -15.49 -22.43
C VAL A 195 4.18 -16.94 -22.83
N CYS A 196 4.25 -17.20 -24.14
CA CYS A 196 4.02 -18.54 -24.63
C CYS A 196 5.19 -19.46 -24.26
N GLN A 197 4.92 -20.47 -23.45
CA GLN A 197 5.93 -21.39 -22.99
C GLN A 197 6.05 -22.65 -23.85
N THR A 198 5.20 -22.78 -24.88
CA THR A 198 5.32 -23.90 -25.80
C THR A 198 6.43 -23.63 -26.80
N HIS A 199 7.32 -24.61 -26.98
CA HIS A 199 8.46 -24.50 -27.89
C HIS A 199 8.52 -25.76 -28.73
N ARG A 200 7.84 -25.74 -29.88
CA ARG A 200 7.80 -26.89 -30.80
C ARG A 200 7.30 -28.15 -30.10
N GLY A 201 6.28 -27.98 -29.25
CA GLY A 201 5.73 -29.06 -28.48
C GLY A 201 6.42 -29.30 -27.15
N GLN A 202 7.61 -28.74 -26.94
CA GLN A 202 8.35 -28.87 -25.69
C GLN A 202 7.93 -27.70 -24.80
N LYS A 203 6.81 -27.88 -24.10
CA LYS A 203 6.33 -26.87 -23.18
C LYS A 203 7.03 -27.05 -21.84
N THR A 204 7.70 -25.99 -21.37
CA THR A 204 8.38 -26.06 -20.08
C THR A 204 7.35 -26.25 -18.97
N GLU A 205 7.70 -27.08 -18.00
CA GLU A 205 6.83 -27.39 -16.87
C GLU A 205 7.49 -26.85 -15.61
N VAL A 206 7.08 -25.66 -15.19
CA VAL A 206 7.62 -25.01 -14.01
C VAL A 206 6.46 -24.66 -13.08
N TYR A 207 6.81 -24.08 -11.94
CA TYR A 207 5.82 -23.80 -10.90
C TYR A 207 4.90 -22.67 -11.33
N LYS A 208 3.59 -22.90 -11.21
CA LYS A 208 2.62 -21.84 -11.46
C LYS A 208 2.68 -20.84 -10.32
N MET A 209 3.10 -19.62 -10.63
CA MET A 209 3.24 -18.60 -9.60
C MET A 209 1.86 -18.14 -9.14
N PRO A 210 1.55 -18.23 -7.84
CA PRO A 210 0.26 -17.72 -7.36
C PRO A 210 0.29 -16.20 -7.25
N PHE A 211 -0.82 -15.58 -7.65
CA PHE A 211 -0.94 -14.14 -7.71
C PHE A 211 -1.91 -13.65 -6.65
N TYR A 212 -1.51 -12.63 -5.90
CA TYR A 212 -2.38 -11.95 -4.96
C TYR A 212 -2.94 -10.69 -5.62
N ASP A 213 -4.01 -10.17 -5.02
CA ASP A 213 -4.61 -8.94 -5.52
C ASP A 213 -3.74 -7.75 -5.08
N ALA A 214 -3.32 -6.95 -6.05
CA ALA A 214 -2.41 -5.85 -5.77
C ALA A 214 -3.11 -4.65 -5.14
N ARG A 215 -4.43 -4.54 -5.29
CA ARG A 215 -5.13 -3.38 -4.75
C ARG A 215 -4.99 -3.24 -3.24
N PRO A 216 -5.18 -4.29 -2.42
CA PRO A 216 -4.93 -4.13 -0.98
C PRO A 216 -3.50 -3.76 -0.65
N VAL A 217 -2.51 -4.26 -1.38
CA VAL A 217 -1.12 -3.89 -1.10
C VAL A 217 -0.90 -2.41 -1.41
N ILE A 218 -1.41 -1.95 -2.55
CA ILE A 218 -1.25 -0.55 -2.94
C ILE A 218 -1.96 0.36 -1.94
N GLN A 219 -3.15 -0.05 -1.50
CA GLN A 219 -3.85 0.70 -0.46
C GLN A 219 -3.06 0.72 0.84
N PHE A 220 -2.45 -0.41 1.19
CA PHE A 220 -1.69 -0.52 2.43
C PHE A 220 -0.49 0.41 2.43
N ILE A 221 0.19 0.54 1.29
CA ILE A 221 1.36 1.41 1.25
C ILE A 221 0.99 2.88 0.98
N ILE A 222 -0.13 3.13 0.31
CA ILE A 222 -0.57 4.50 0.10
C ILE A 222 -0.94 5.14 1.43
N SER A 223 -1.69 4.41 2.26
CA SER A 223 -2.12 4.88 3.58
C SER A 223 -1.46 3.99 4.62
N GLY A 224 -0.52 4.55 5.38
CA GLY A 224 0.25 3.76 6.32
C GLY A 224 -0.57 3.16 7.45
N ASN A 225 -1.82 3.59 7.62
CA ASN A 225 -2.71 3.07 8.64
C ASN A 225 -2.14 3.27 10.04
N GLU B 1 -17.50 -7.74 27.57
CA GLU B 1 -18.11 -7.98 26.27
C GLU B 1 -17.09 -8.54 25.29
N TRP B 2 -17.55 -9.36 24.35
CA TRP B 2 -16.68 -9.99 23.38
C TRP B 2 -17.41 -10.12 22.05
N THR B 3 -16.67 -9.93 20.96
CA THR B 3 -17.22 -10.16 19.63
C THR B 3 -17.76 -11.58 19.49
N GLY B 4 -17.13 -12.54 20.14
CA GLY B 4 -17.49 -13.94 20.04
C GLY B 4 -18.57 -14.43 20.97
N ASP B 5 -19.19 -13.55 21.74
CA ASP B 5 -20.28 -13.97 22.61
C ASP B 5 -21.51 -14.23 21.75
N TYR B 6 -21.62 -15.43 21.20
CA TYR B 6 -22.70 -15.77 20.28
C TYR B 6 -24.07 -15.69 20.93
N GLU B 7 -24.13 -15.69 22.27
CA GLU B 7 -25.41 -15.52 22.95
C GLU B 7 -26.03 -14.17 22.64
N ASN B 8 -25.21 -13.11 22.59
CA ASN B 8 -25.70 -11.77 22.35
C ASN B 8 -25.21 -11.15 21.05
N ILE B 9 -24.24 -11.76 20.37
CA ILE B 9 -23.69 -11.23 19.14
C ILE B 9 -24.12 -12.14 17.99
N GLY B 10 -24.76 -11.55 16.98
CA GLY B 10 -25.08 -12.30 15.78
C GLY B 10 -23.99 -12.18 14.75
N TYR B 11 -24.05 -13.05 13.75
CA TYR B 11 -23.09 -12.94 12.65
C TYR B 11 -23.70 -13.52 11.39
N PHE B 12 -23.36 -12.91 10.27
CA PHE B 12 -23.63 -13.46 8.94
C PHE B 12 -22.30 -13.77 8.25
N SER B 13 -22.17 -15.00 7.79
CA SER B 13 -20.96 -15.46 7.12
C SER B 13 -21.10 -15.35 5.60
N HIS B 14 -19.96 -15.40 4.92
CA HIS B 14 -19.89 -15.39 3.46
C HIS B 14 -20.58 -14.17 2.87
N GLU B 15 -20.40 -13.03 3.52
CA GLU B 15 -20.87 -11.75 3.00
C GLU B 15 -19.72 -10.98 2.37
N VAL B 16 -20.07 -10.06 1.48
CA VAL B 16 -19.14 -9.13 0.87
C VAL B 16 -19.67 -7.73 1.12
N ILE B 17 -18.81 -6.85 1.65
CA ILE B 17 -19.20 -5.49 1.92
C ILE B 17 -19.49 -4.81 0.57
N SER B 18 -20.75 -4.48 0.34
CA SER B 18 -21.16 -3.88 -0.93
C SER B 18 -21.21 -2.36 -0.87
N GLU B 19 -21.58 -1.79 0.27
CA GLU B 19 -21.72 -0.34 0.39
C GLU B 19 -21.00 0.14 1.63
N PHE B 20 -20.36 1.30 1.53
CA PHE B 20 -19.61 1.92 2.61
C PHE B 20 -20.12 3.33 2.81
N HIS B 21 -20.30 3.74 4.06
CA HIS B 21 -20.70 5.10 4.39
C HIS B 21 -19.92 5.54 5.62
N VAL B 22 -19.47 6.80 5.62
CA VAL B 22 -18.83 7.39 6.78
C VAL B 22 -19.50 8.72 7.08
N GLY B 23 -19.47 9.11 8.34
CA GLY B 23 -20.03 10.39 8.72
C GLY B 23 -19.77 10.68 10.18
N GLN B 24 -20.50 11.67 10.69
CA GLN B 24 -20.40 12.05 12.09
C GLN B 24 -21.81 12.15 12.68
N ILE B 25 -21.99 11.59 13.87
CA ILE B 25 -23.23 11.72 14.61
C ILE B 25 -22.91 12.05 16.07
N ASP B 26 -23.52 13.13 16.57
CA ASP B 26 -23.45 13.49 17.99
C ASP B 26 -22.00 13.58 18.47
N GLY B 27 -21.16 14.24 17.68
CA GLY B 27 -19.77 14.42 18.06
C GLY B 27 -18.90 13.20 17.92
N GLY B 28 -19.36 12.17 17.23
CA GLY B 28 -18.56 10.98 17.05
C GLY B 28 -18.52 10.50 15.62
N ALA B 29 -17.32 10.19 15.13
CA ALA B 29 -17.19 9.60 13.80
C ALA B 29 -17.82 8.22 13.79
N TYR B 30 -18.52 7.90 12.71
CA TYR B 30 -19.15 6.61 12.54
C TYR B 30 -18.99 6.15 11.11
N PHE B 31 -19.03 4.87 10.90
CA PHE B 31 -19.10 4.30 9.55
C PHE B 31 -20.15 3.20 9.60
N CYS B 32 -20.75 2.93 8.43
CA CYS B 32 -21.79 1.88 8.31
C CYS B 32 -21.55 1.10 7.02
N ILE B 33 -21.47 -0.23 7.10
CA ILE B 33 -21.22 -1.03 5.89
C ILE B 33 -22.52 -1.69 5.51
N LYS B 34 -22.68 -1.96 4.24
CA LYS B 34 -23.84 -2.75 3.86
C LYS B 34 -23.26 -4.05 3.31
N ALA B 35 -23.62 -5.19 3.82
CA ALA B 35 -23.04 -6.43 3.28
C ALA B 35 -24.15 -7.28 2.66
N VAL B 36 -23.89 -7.86 1.53
CA VAL B 36 -24.84 -8.82 0.89
C VAL B 36 -24.18 -10.19 0.85
N LYS B 37 -24.95 -11.24 0.63
CA LYS B 37 -24.43 -12.62 0.54
C LYS B 37 -23.45 -12.71 -0.60
N ALA B 38 -22.27 -13.23 -0.33
CA ALA B 38 -21.21 -13.22 -1.37
C ALA B 38 -21.61 -13.81 -2.72
N ASP B 39 -22.61 -14.69 -2.79
CA ASP B 39 -23.20 -15.20 -4.04
C ASP B 39 -24.41 -14.32 -4.40
N GLY B 40 -24.18 -13.28 -5.20
CA GLY B 40 -25.22 -12.37 -5.75
C GLY B 40 -26.08 -11.58 -4.76
N SER B 41 -27.37 -11.41 -5.09
CA SER B 41 -28.37 -10.65 -4.26
C SER B 41 -29.09 -11.57 -3.25
N ARG B 42 -28.45 -12.65 -2.81
CA ARG B 42 -29.05 -13.59 -1.83
C ARG B 42 -29.27 -12.90 -0.47
N SER B 43 -30.31 -13.35 0.24
CA SER B 43 -30.74 -12.89 1.59
C SER B 43 -31.16 -11.41 1.59
N THR B 44 -31.23 -10.82 2.78
CA THR B 44 -31.46 -9.36 2.94
C THR B 44 -30.11 -8.75 3.30
N PRO B 45 -29.76 -7.52 2.88
CA PRO B 45 -28.47 -6.95 3.24
C PRO B 45 -28.32 -6.71 4.74
N LEU B 46 -27.21 -7.08 5.32
CA LEU B 46 -27.03 -6.71 6.73
C LEU B 46 -26.41 -5.31 6.74
N ILE B 47 -26.91 -4.42 7.57
CA ILE B 47 -26.29 -3.09 7.74
C ILE B 47 -25.70 -3.08 9.14
N ALA B 48 -24.45 -2.72 9.32
CA ALA B 48 -23.88 -2.69 10.67
C ALA B 48 -23.07 -1.42 10.76
N CYS B 49 -23.13 -0.75 11.87
CA CYS B 49 -22.44 0.53 12.04
C CYS B 49 -21.61 0.48 13.28
N SER B 50 -20.66 1.36 13.30
CA SER B 50 -19.72 1.49 14.39
C SER B 50 -19.58 2.97 14.62
N VAL B 51 -19.73 3.44 15.83
CA VAL B 51 -19.58 4.83 16.24
C VAL B 51 -18.35 4.93 17.13
N SER B 52 -17.52 5.95 16.89
CA SER B 52 -16.23 6.04 17.56
C SER B 52 -16.37 6.42 19.04
N ASN B 53 -17.47 7.08 19.43
CA ASN B 53 -17.58 7.63 20.77
C ASN B 53 -18.82 7.17 21.52
N GLU B 54 -19.56 6.20 20.99
CA GLU B 54 -20.80 5.76 21.62
C GLU B 54 -20.81 4.23 21.70
N SER B 55 -21.46 3.73 22.75
CA SER B 55 -21.67 2.31 23.01
C SER B 55 -20.40 1.64 23.52
N VAL B 56 -20.51 0.36 23.90
CA VAL B 56 -19.38 -0.37 24.48
C VAL B 56 -18.37 -0.80 23.43
N TRP B 57 -18.72 -0.72 22.15
CA TRP B 57 -17.87 -1.17 21.07
C TRP B 57 -17.00 -0.06 20.49
N ALA B 58 -16.96 1.10 21.14
CA ALA B 58 -16.08 2.18 20.70
C ALA B 58 -14.60 1.80 20.63
N PRO B 59 -14.03 1.04 21.57
CA PRO B 59 -12.58 0.77 21.50
C PRO B 59 -12.13 0.09 20.22
N SER B 60 -12.98 -0.71 19.57
CA SER B 60 -12.60 -1.39 18.35
C SER B 60 -12.88 -0.59 17.09
N PHE B 61 -13.52 0.58 17.22
CA PHE B 61 -14.04 1.32 16.08
C PHE B 61 -12.98 1.50 15.00
N LYS B 62 -11.79 1.94 15.39
CA LYS B 62 -10.73 2.16 14.40
C LYS B 62 -10.37 0.86 13.70
N VAL B 63 -10.06 -0.18 14.47
CA VAL B 63 -9.54 -1.41 13.87
C VAL B 63 -10.56 -1.98 12.90
N LEU B 64 -11.79 -2.16 13.37
CA LEU B 64 -12.87 -2.62 12.50
C LEU B 64 -12.94 -1.77 11.24
N LEU B 65 -12.92 -0.44 11.42
CA LEU B 65 -12.99 0.45 10.26
C LEU B 65 -11.90 0.09 9.26
N GLU B 66 -10.65 0.03 9.73
CA GLU B 66 -9.56 -0.32 8.84
C GLU B 66 -9.86 -1.65 8.16
N GLN B 67 -10.21 -2.67 8.95
CA GLN B 67 -10.50 -3.97 8.37
C GLN B 67 -11.64 -3.87 7.37
N ALA B 68 -12.69 -3.14 7.73
CA ALA B 68 -13.82 -2.99 6.81
C ALA B 68 -13.34 -2.43 5.48
N ARG B 69 -12.52 -1.37 5.54
CA ARG B 69 -12.03 -0.76 4.31
C ARG B 69 -11.27 -1.79 3.48
N TYR B 70 -10.41 -2.57 4.12
CA TYR B 70 -9.68 -3.59 3.39
C TYR B 70 -10.63 -4.63 2.81
N PHE B 71 -11.61 -5.05 3.62
CA PHE B 71 -12.61 -5.98 3.10
C PHE B 71 -13.46 -5.34 2.02
N TYR B 72 -13.58 -4.01 2.02
CA TYR B 72 -14.24 -3.33 0.93
C TYR B 72 -13.38 -3.27 -0.32
N VAL B 73 -12.06 -3.20 -0.15
CA VAL B 73 -11.17 -3.09 -1.30
C VAL B 73 -11.11 -4.41 -2.04
N THR B 74 -10.88 -5.51 -1.32
CA THR B 74 -10.74 -6.82 -1.93
C THR B 74 -12.06 -7.42 -2.36
N GLU B 75 -13.18 -6.96 -1.81
CA GLU B 75 -14.50 -7.52 -2.09
C GLU B 75 -14.56 -9.01 -1.80
N GLN B 76 -13.85 -9.46 -0.75
CA GLN B 76 -13.75 -10.88 -0.46
C GLN B 76 -14.83 -11.31 0.50
N SER B 77 -15.06 -12.62 0.54
CA SER B 77 -16.07 -13.20 1.41
C SER B 77 -15.65 -13.06 2.88
N VAL B 78 -16.52 -12.47 3.69
CA VAL B 78 -16.21 -12.20 5.09
C VAL B 78 -17.40 -12.57 5.96
N ARG B 79 -17.11 -12.78 7.25
CA ARG B 79 -18.12 -12.94 8.27
C ARG B 79 -18.21 -11.65 9.07
N ILE B 80 -19.43 -11.15 9.25
CA ILE B 80 -19.72 -9.91 9.94
C ILE B 80 -20.39 -10.25 11.26
N TYR B 81 -19.79 -9.78 12.36
CA TYR B 81 -20.35 -9.91 13.70
C TYR B 81 -20.97 -8.58 14.10
N TYR B 82 -22.24 -8.62 14.45
CA TYR B 82 -23.00 -7.42 14.80
C TYR B 82 -23.69 -7.62 16.14
N ASP B 83 -23.96 -6.50 16.81
CA ASP B 83 -24.75 -6.47 18.03
C ASP B 83 -26.03 -5.71 17.74
N HIS B 84 -27.17 -6.37 17.93
CA HIS B 84 -28.46 -5.79 17.60
C HIS B 84 -28.96 -4.93 18.74
N ASN B 85 -29.79 -3.92 18.40
CA ASN B 85 -30.35 -2.97 19.36
C ASN B 85 -29.27 -2.18 20.11
N VAL B 86 -28.24 -1.74 19.41
CA VAL B 86 -27.21 -0.91 20.03
C VAL B 86 -27.48 0.57 19.81
N TRP B 87 -27.82 0.95 18.58
CA TRP B 87 -28.08 2.34 18.26
C TRP B 87 -29.54 2.68 18.53
N THR B 88 -29.76 3.81 19.19
CA THR B 88 -31.09 4.23 19.59
C THR B 88 -31.55 5.52 18.93
N ASN B 89 -30.67 6.25 18.25
CA ASN B 89 -31.08 7.44 17.52
C ASN B 89 -32.04 7.05 16.42
N GLN B 90 -33.28 7.53 16.52
CA GLN B 90 -34.34 7.06 15.63
C GLN B 90 -34.08 7.37 14.16
N PRO B 91 -33.72 8.61 13.77
CA PRO B 91 -33.36 8.81 12.35
C PRO B 91 -32.19 7.96 11.91
N PHE B 92 -31.18 7.78 12.77
CA PHE B 92 -30.04 6.94 12.44
C PHE B 92 -30.48 5.49 12.24
N VAL B 93 -31.36 5.00 13.12
CA VAL B 93 -31.84 3.63 13.01
C VAL B 93 -32.65 3.44 11.73
N ASN B 94 -33.56 4.38 11.45
CA ASN B 94 -34.36 4.31 10.23
C ASN B 94 -33.48 4.36 8.99
N THR B 95 -32.37 5.09 9.04
CA THR B 95 -31.45 5.11 7.92
C THR B 95 -30.70 3.80 7.77
N PHE B 96 -29.85 3.46 8.74
CA PHE B 96 -29.02 2.28 8.58
C PHE B 96 -29.55 1.05 9.28
N SER B 97 -29.52 1.07 10.62
CA SER B 97 -29.89 -0.09 11.44
C SER B 97 -29.67 0.23 12.91
N THR B 98 -30.07 -0.69 13.79
CA THR B 98 -29.62 -0.69 15.17
C THR B 98 -28.33 -1.49 15.36
N ASN B 99 -27.88 -2.19 14.32
CA ASN B 99 -26.77 -3.13 14.45
C ASN B 99 -25.45 -2.39 14.63
N ALA B 100 -24.68 -2.81 15.64
CA ALA B 100 -23.34 -2.33 15.84
C ALA B 100 -22.36 -3.32 15.24
N LEU B 101 -21.50 -2.86 14.35
CA LEU B 101 -20.46 -3.72 13.81
C LEU B 101 -19.42 -3.98 14.89
N VAL B 102 -19.31 -5.24 15.32
CA VAL B 102 -18.42 -5.60 16.42
C VAL B 102 -17.33 -6.57 16.00
N GLY B 103 -17.41 -7.19 14.83
CA GLY B 103 -16.37 -8.11 14.42
C GLY B 103 -16.34 -8.33 12.93
N LEU B 104 -15.15 -8.62 12.42
CA LEU B 104 -14.97 -8.97 11.02
C LEU B 104 -13.97 -10.11 10.93
N SER B 105 -14.32 -11.15 10.18
CA SER B 105 -13.39 -12.25 9.94
C SER B 105 -13.35 -12.56 8.46
N SER B 106 -12.22 -13.06 8.01
CA SER B 106 -12.09 -13.51 6.63
C SER B 106 -12.73 -14.89 6.48
N CYS B 107 -13.40 -15.10 5.35
CA CYS B 107 -14.04 -16.38 5.04
C CYS B 107 -13.38 -16.93 3.78
N SER B 108 -12.43 -17.81 4.01
CA SER B 108 -11.70 -18.48 2.91
C SER B 108 -12.41 -19.78 2.59
N ALA B 109 -12.64 -19.98 1.29
CA ALA B 109 -13.30 -21.16 0.67
C ALA B 109 -14.81 -21.20 0.86
N ALA B 110 -15.46 -21.91 -0.08
CA ALA B 110 -16.91 -22.18 -0.21
C ALA B 110 -17.65 -22.12 1.12
N THR B 111 -17.24 -22.94 2.08
CA THR B 111 -17.89 -22.92 3.40
C THR B 111 -16.88 -23.36 4.44
N ASP B 112 -16.57 -22.44 5.37
CA ASP B 112 -15.69 -22.46 6.58
C ASP B 112 -15.30 -21.01 6.90
N CYS B 113 -15.58 -20.55 8.10
CA CYS B 113 -15.18 -19.17 8.35
C CYS B 113 -14.31 -19.14 9.58
N PHE B 114 -13.38 -18.22 9.51
CA PHE B 114 -12.57 -17.97 10.68
C PHE B 114 -13.38 -17.20 11.74
N GLY B 115 -12.93 -17.30 12.98
CA GLY B 115 -13.54 -16.57 14.06
C GLY B 115 -14.56 -17.39 14.83
N PRO B 116 -15.05 -16.83 15.94
CA PRO B 116 -16.03 -17.54 16.77
C PRO B 116 -17.33 -17.79 16.02
N GLY B 117 -17.93 -18.96 16.26
CA GLY B 117 -19.19 -19.31 15.65
C GLY B 117 -20.15 -19.90 16.67
N LYS B 118 -21.41 -19.99 16.26
CA LYS B 118 -22.40 -20.65 17.08
C LYS B 118 -22.19 -22.16 17.03
N PRO B 119 -22.14 -22.84 18.19
CA PRO B 119 -21.99 -24.30 18.33
C PRO B 119 -22.85 -25.10 17.36
N GLU C 1 10.79 -8.19 28.25
CA GLU C 1 10.35 -9.22 27.32
C GLU C 1 10.78 -8.88 25.89
N TRP C 2 10.98 -9.91 25.08
CA TRP C 2 11.42 -9.73 23.71
C TRP C 2 10.81 -10.79 22.82
N THR C 3 10.45 -10.40 21.60
CA THR C 3 9.97 -11.35 20.61
C THR C 3 10.97 -12.48 20.38
N GLY C 4 12.26 -12.19 20.49
CA GLY C 4 13.29 -13.16 20.21
C GLY C 4 13.74 -14.03 21.34
N ASP C 5 13.10 -13.95 22.50
CA ASP C 5 13.47 -14.81 23.61
C ASP C 5 12.93 -16.22 23.36
N TYR C 6 13.74 -17.05 22.69
CA TYR C 6 13.29 -18.37 22.27
C TYR C 6 13.02 -19.30 23.44
N GLU C 7 13.45 -18.95 24.65
CA GLU C 7 13.16 -19.78 25.81
C GLU C 7 11.68 -19.73 26.19
N ASN C 8 11.03 -18.60 25.95
CA ASN C 8 9.61 -18.45 26.25
C ASN C 8 8.75 -18.15 25.04
N ILE C 9 9.32 -17.67 23.95
CA ILE C 9 8.57 -17.33 22.74
C ILE C 9 8.79 -18.44 21.72
N GLY C 10 7.70 -19.01 21.21
CA GLY C 10 7.81 -19.98 20.14
C GLY C 10 7.65 -19.32 18.79
N TYR C 11 7.99 -20.06 17.74
CA TYR C 11 7.78 -19.53 16.40
C TYR C 11 7.61 -20.69 15.42
N PHE C 12 6.77 -20.45 14.43
CA PHE C 12 6.67 -21.32 13.26
C PHE C 12 7.10 -20.55 12.01
N SER C 13 8.01 -21.13 11.26
CA SER C 13 8.56 -20.52 10.06
C SER C 13 7.82 -21.00 8.82
N HIS C 14 7.94 -20.20 7.75
CA HIS C 14 7.36 -20.54 6.44
C HIS C 14 5.85 -20.80 6.56
N GLU C 15 5.18 -19.93 7.29
CA GLU C 15 3.72 -19.96 7.39
C GLU C 15 3.13 -18.92 6.47
N VAL C 16 1.84 -19.10 6.15
CA VAL C 16 1.07 -18.13 5.41
C VAL C 16 -0.17 -17.80 6.23
N ILE C 17 -0.39 -16.51 6.48
CA ILE C 17 -1.60 -16.09 7.18
C ILE C 17 -2.78 -16.35 6.26
N SER C 18 -3.55 -17.38 6.55
CA SER C 18 -4.68 -17.77 5.71
C SER C 18 -5.99 -17.15 6.14
N GLU C 19 -6.17 -16.90 7.44
CA GLU C 19 -7.43 -16.39 7.96
C GLU C 19 -7.17 -15.21 8.88
N PHE C 20 -7.98 -14.17 8.74
CA PHE C 20 -7.83 -12.95 9.52
C PHE C 20 -9.15 -12.62 10.20
N HIS C 21 -9.11 -12.34 11.49
CA HIS C 21 -10.29 -11.94 12.25
C HIS C 21 -9.96 -10.74 13.11
N VAL C 22 -10.91 -9.82 13.23
CA VAL C 22 -10.78 -8.69 14.14
C VAL C 22 -12.04 -8.61 14.99
N GLY C 23 -11.89 -8.07 16.18
CA GLY C 23 -13.03 -7.92 17.06
C GLY C 23 -12.67 -7.13 18.30
N GLN C 24 -13.55 -7.22 19.30
CA GLN C 24 -13.33 -6.56 20.58
C GLN C 24 -13.59 -7.57 21.69
N ILE C 25 -12.73 -7.56 22.69
CA ILE C 25 -12.93 -8.35 23.91
C ILE C 25 -12.56 -7.51 25.11
N ASP C 26 -13.44 -7.46 26.11
CA ASP C 26 -13.16 -6.83 27.40
C ASP C 26 -12.69 -5.39 27.24
N GLY C 27 -13.36 -4.64 26.37
CA GLY C 27 -13.02 -3.25 26.15
C GLY C 27 -11.76 -3.02 25.34
N GLY C 28 -11.26 -4.02 24.64
CA GLY C 28 -10.06 -3.85 23.85
C GLY C 28 -10.14 -4.48 22.48
N ALA C 29 -9.68 -3.75 21.46
CA ALA C 29 -9.61 -4.31 20.12
C ALA C 29 -8.59 -5.44 20.06
N TYR C 30 -8.91 -6.46 19.28
CA TYR C 30 -8.02 -7.60 19.12
C TYR C 30 -8.11 -8.10 17.69
N PHE C 31 -7.06 -8.80 17.27
CA PHE C 31 -7.08 -9.49 15.99
C PHE C 31 -6.41 -10.84 16.13
N CYS C 32 -6.93 -11.82 15.41
CA CYS C 32 -6.40 -13.17 15.41
C CYS C 32 -6.08 -13.58 13.98
N ILE C 33 -4.99 -14.32 13.82
CA ILE C 33 -4.55 -14.83 12.54
C ILE C 33 -4.46 -16.35 12.62
N LYS C 34 -5.05 -17.02 11.64
CA LYS C 34 -4.86 -18.44 11.43
C LYS C 34 -3.89 -18.64 10.28
N ALA C 35 -2.79 -19.34 10.55
CA ALA C 35 -1.71 -19.52 9.60
C ALA C 35 -1.47 -21.00 9.38
N VAL C 36 -1.31 -21.38 8.12
CA VAL C 36 -0.98 -22.74 7.74
C VAL C 36 0.41 -22.74 7.13
N LYS C 37 0.91 -23.95 6.81
CA LYS C 37 2.21 -24.07 6.17
C LYS C 37 2.16 -23.49 4.77
N ALA C 38 3.22 -22.78 4.39
CA ALA C 38 3.32 -22.23 3.04
C ALA C 38 3.35 -23.32 1.98
N ASP C 39 3.97 -24.46 2.27
CA ASP C 39 4.03 -25.56 1.31
C ASP C 39 2.69 -26.23 1.10
N GLY C 40 1.73 -25.99 1.99
CA GLY C 40 0.47 -26.72 1.95
C GLY C 40 0.53 -28.09 2.57
N SER C 41 1.62 -28.42 3.25
CA SER C 41 1.79 -29.75 3.83
C SER C 41 0.85 -29.94 5.02
N ARG C 42 0.67 -31.20 5.39
CA ARG C 42 -0.25 -31.56 6.48
C ARG C 42 0.30 -31.05 7.81
N SER C 43 -0.44 -30.15 8.45
CA SER C 43 -0.06 -29.60 9.74
C SER C 43 -1.25 -28.86 10.32
N THR C 44 -1.45 -29.00 11.62
CA THR C 44 -2.48 -28.25 12.31
C THR C 44 -2.13 -26.76 12.24
N PRO C 45 -3.09 -25.89 11.95
CA PRO C 45 -2.75 -24.47 11.77
C PRO C 45 -2.58 -23.75 13.09
N LEU C 46 -1.70 -22.75 13.08
CA LEU C 46 -1.43 -21.97 14.28
C LEU C 46 -2.34 -20.74 14.32
N ILE C 47 -3.00 -20.54 15.45
CA ILE C 47 -3.83 -19.36 15.68
C ILE C 47 -3.11 -18.48 16.69
N ALA C 48 -2.84 -17.24 16.30
CA ALA C 48 -2.16 -16.28 17.17
C ALA C 48 -3.01 -15.03 17.25
N CYS C 49 -3.23 -14.55 18.48
CA CYS C 49 -4.07 -13.39 18.71
C CYS C 49 -3.29 -12.29 19.41
N SER C 50 -3.69 -11.06 19.16
CA SER C 50 -3.13 -9.89 19.82
C SER C 50 -4.26 -9.00 20.28
N VAL C 51 -4.21 -8.59 21.55
CA VAL C 51 -5.23 -7.75 22.16
C VAL C 51 -4.62 -6.40 22.46
N SER C 52 -5.31 -5.33 22.10
CA SER C 52 -4.73 -3.99 22.17
C SER C 52 -4.52 -3.51 23.60
N ASN C 53 -5.29 -4.03 24.57
CA ASN C 53 -5.23 -3.53 25.93
C ASN C 53 -4.92 -4.61 26.96
N GLU C 54 -4.49 -5.79 26.52
CA GLU C 54 -4.23 -6.89 27.43
C GLU C 54 -2.84 -7.46 27.19
N SER C 55 -2.28 -8.06 28.24
CA SER C 55 -0.97 -8.71 28.22
C SER C 55 0.16 -7.71 28.03
N VAL C 56 1.40 -8.20 28.12
CA VAL C 56 2.57 -7.33 27.98
C VAL C 56 2.88 -7.02 26.52
N TRP C 57 2.20 -7.68 25.58
CA TRP C 57 2.44 -7.51 24.15
C TRP C 57 1.52 -6.48 23.53
N ALA C 58 0.72 -5.78 24.33
CA ALA C 58 -0.12 -4.70 23.82
C ALA C 58 0.65 -3.60 23.08
N PRO C 59 1.84 -3.16 23.53
CA PRO C 59 2.51 -2.06 22.81
C PRO C 59 2.80 -2.36 21.34
N SER C 60 2.95 -3.62 20.97
CA SER C 60 3.20 -3.99 19.58
C SER C 60 1.93 -4.41 18.84
N PHE C 61 0.76 -4.13 19.41
CA PHE C 61 -0.50 -4.55 18.80
C PHE C 61 -0.69 -3.90 17.43
N LYS C 62 -0.51 -2.59 17.35
CA LYS C 62 -0.76 -1.88 16.09
C LYS C 62 0.22 -2.33 15.01
N VAL C 63 1.52 -2.27 15.30
CA VAL C 63 2.53 -2.58 14.30
C VAL C 63 2.37 -4.00 13.79
N LEU C 64 2.08 -4.94 14.69
CA LEU C 64 1.82 -6.31 14.27
C LEU C 64 0.58 -6.37 13.38
N LEU C 65 -0.49 -5.70 13.80
CA LEU C 65 -1.76 -5.78 13.08
C LEU C 65 -1.57 -5.41 11.62
N GLU C 66 -1.10 -4.19 11.37
CA GLU C 66 -0.79 -3.77 10.00
C GLU C 66 0.09 -4.80 9.31
N GLN C 67 1.18 -5.20 9.97
CA GLN C 67 2.07 -6.18 9.37
C GLN C 67 1.32 -7.45 9.04
N ALA C 68 0.56 -7.96 10.00
CA ALA C 68 -0.21 -9.17 9.76
C ALA C 68 -1.12 -8.99 8.56
N ARG C 69 -1.80 -7.84 8.50
CA ARG C 69 -2.68 -7.55 7.37
C ARG C 69 -1.90 -7.67 6.06
N TYR C 70 -0.74 -7.03 5.99
CA TYR C 70 0.04 -7.12 4.76
C TYR C 70 0.43 -8.56 4.47
N PHE C 71 0.86 -9.29 5.51
CA PHE C 71 1.25 -10.67 5.30
C PHE C 71 0.03 -11.53 4.94
N TYR C 72 -1.16 -11.10 5.38
CA TYR C 72 -2.37 -11.78 4.94
C TYR C 72 -2.72 -11.40 3.51
N VAL C 73 -2.40 -10.16 3.13
CA VAL C 73 -2.84 -9.64 1.84
C VAL C 73 -2.05 -10.26 0.70
N THR C 74 -0.74 -10.44 0.89
CA THR C 74 0.13 -10.96 -0.16
C THR C 74 0.37 -12.45 -0.08
N GLU C 75 -0.20 -13.14 0.91
CA GLU C 75 0.08 -14.56 1.17
C GLU C 75 1.58 -14.83 1.25
N GLN C 76 2.33 -13.88 1.81
CA GLN C 76 3.77 -14.03 1.89
C GLN C 76 4.14 -15.07 2.93
N SER C 77 5.14 -15.89 2.61
CA SER C 77 5.64 -16.87 3.56
C SER C 77 6.31 -16.15 4.73
N VAL C 78 5.86 -16.43 5.94
CA VAL C 78 6.30 -15.69 7.11
C VAL C 78 6.61 -16.64 8.26
N ARG C 79 7.44 -16.14 9.17
CA ARG C 79 7.63 -16.76 10.47
C ARG C 79 6.83 -15.98 11.51
N ILE C 80 6.01 -16.68 12.27
CA ILE C 80 5.17 -16.10 13.30
C ILE C 80 5.77 -16.46 14.66
N TYR C 81 6.03 -15.43 15.46
CA TYR C 81 6.48 -15.57 16.83
C TYR C 81 5.28 -15.38 17.75
N TYR C 82 5.01 -16.37 18.59
CA TYR C 82 3.87 -16.36 19.48
C TYR C 82 4.34 -16.60 20.91
N ASP C 83 3.53 -16.13 21.86
CA ASP C 83 3.71 -16.40 23.28
C ASP C 83 2.59 -17.31 23.72
N HIS C 84 2.93 -18.53 24.12
CA HIS C 84 1.94 -19.53 24.51
C HIS C 84 1.49 -19.30 25.95
N ASN C 85 0.22 -19.61 26.20
CA ASN C 85 -0.42 -19.39 27.50
C ASN C 85 -0.36 -17.93 27.92
N VAL C 86 -1.03 -17.08 27.14
CA VAL C 86 -1.19 -15.67 27.44
C VAL C 86 -2.64 -15.33 27.72
N TRP C 87 -3.55 -15.75 26.84
CA TRP C 87 -4.96 -15.45 27.02
C TRP C 87 -5.60 -16.48 27.95
N THR C 88 -6.46 -16.01 28.84
CA THR C 88 -7.10 -16.85 29.83
C THR C 88 -8.61 -16.91 29.70
N ASN C 89 -9.22 -16.02 28.92
CA ASN C 89 -10.67 -16.05 28.70
C ASN C 89 -11.04 -17.38 28.04
N GLN C 90 -11.80 -18.20 28.75
CA GLN C 90 -12.04 -19.57 28.28
C GLN C 90 -12.79 -19.64 26.95
N PRO C 91 -13.89 -18.91 26.74
CA PRO C 91 -14.48 -18.92 25.39
C PRO C 91 -13.53 -18.38 24.32
N PHE C 92 -12.74 -17.36 24.65
CA PHE C 92 -11.78 -16.85 23.69
C PHE C 92 -10.71 -17.88 23.37
N VAL C 93 -10.19 -18.56 24.39
CA VAL C 93 -9.15 -19.57 24.17
C VAL C 93 -9.70 -20.74 23.37
N ASN C 94 -10.90 -21.21 23.71
CA ASN C 94 -11.51 -22.30 22.95
C ASN C 94 -11.77 -21.88 21.51
N THR C 95 -12.15 -20.62 21.30
CA THR C 95 -12.39 -20.15 19.94
C THR C 95 -11.11 -20.06 19.13
N PHE C 96 -10.06 -19.43 19.69
CA PHE C 96 -8.85 -19.18 18.93
C PHE C 96 -7.64 -19.94 19.47
N SER C 97 -7.15 -19.57 20.66
CA SER C 97 -5.91 -20.11 21.20
C SER C 97 -5.56 -19.44 22.52
N THR C 98 -4.51 -19.93 23.17
CA THR C 98 -3.84 -19.17 24.22
C THR C 98 -2.68 -18.34 23.70
N ASN C 99 -2.35 -18.48 22.41
CA ASN C 99 -1.13 -17.89 21.86
C ASN C 99 -1.31 -16.41 21.59
N ALA C 100 -0.37 -15.61 22.07
CA ALA C 100 -0.31 -14.19 21.76
C ALA C 100 0.64 -13.97 20.61
N LEU C 101 0.17 -13.32 19.55
CA LEU C 101 1.04 -12.97 18.43
C LEU C 101 2.00 -11.88 18.87
N VAL C 102 3.29 -12.20 18.90
CA VAL C 102 4.30 -11.26 19.40
C VAL C 102 5.29 -10.84 18.33
N GLY C 103 5.34 -11.50 17.18
CA GLY C 103 6.28 -11.09 16.15
C GLY C 103 5.95 -11.68 14.81
N LEU C 104 6.37 -10.98 13.75
CA LEU C 104 6.24 -11.46 12.38
C LEU C 104 7.53 -11.17 11.65
N SER C 105 7.96 -12.11 10.81
CA SER C 105 9.14 -11.89 9.98
C SER C 105 8.93 -12.53 8.63
N SER C 106 9.68 -12.05 7.65
CA SER C 106 9.63 -12.62 6.31
C SER C 106 10.51 -13.86 6.22
N CYS C 107 10.04 -14.85 5.46
CA CYS C 107 10.80 -16.08 5.21
C CYS C 107 11.16 -16.14 3.73
N SER C 108 12.45 -16.15 3.43
CA SER C 108 12.93 -16.20 2.05
C SER C 108 13.33 -17.64 1.68
N ALA C 109 12.32 -18.50 1.62
CA ALA C 109 12.48 -19.89 1.19
C ALA C 109 13.47 -20.67 2.05
N ALA C 110 13.73 -21.92 1.66
CA ALA C 110 14.65 -22.83 2.36
C ALA C 110 14.25 -22.88 3.82
N THR C 111 15.18 -22.75 4.77
CA THR C 111 14.85 -22.65 6.18
C THR C 111 15.27 -21.32 6.79
N ASP C 112 15.82 -20.41 5.99
CA ASP C 112 16.33 -19.14 6.48
C ASP C 112 15.21 -18.11 6.50
N CYS C 113 14.75 -17.76 7.70
CA CYS C 113 13.84 -16.65 7.90
C CYS C 113 14.55 -15.53 8.64
N PHE C 114 14.20 -14.30 8.30
CA PHE C 114 14.74 -13.15 9.01
C PHE C 114 14.27 -13.17 10.46
N GLY C 115 15.08 -12.58 11.34
CA GLY C 115 14.70 -12.43 12.72
C GLY C 115 15.31 -13.49 13.62
N PRO C 116 14.99 -13.39 14.91
CA PRO C 116 15.59 -14.29 15.89
C PRO C 116 15.11 -15.73 15.73
N GLY C 117 15.95 -16.65 16.15
CA GLY C 117 15.61 -18.06 16.11
C GLY C 117 16.49 -18.85 17.05
N LYS C 118 16.12 -20.12 17.22
CA LYS C 118 16.94 -21.02 18.02
C LYS C 118 18.25 -21.31 17.29
N PRO C 119 19.37 -21.40 18.03
CA PRO C 119 20.68 -21.69 17.42
C PRO C 119 20.74 -23.08 16.79
N GLU D 1 20.20 15.72 16.80
CA GLU D 1 20.91 14.90 15.83
C GLU D 1 20.10 14.78 14.54
N TRP D 2 20.75 14.35 13.46
CA TRP D 2 20.14 14.39 12.15
C TRP D 2 20.47 13.12 11.37
N THR D 3 19.52 12.67 10.56
CA THR D 3 19.73 11.54 9.67
C THR D 3 20.86 11.82 8.69
N GLY D 4 20.97 13.06 8.23
CA GLY D 4 21.95 13.43 7.24
C GLY D 4 23.32 13.79 7.76
N ASP D 5 23.54 13.69 9.07
CA ASP D 5 24.86 13.98 9.61
C ASP D 5 25.77 12.80 9.26
N TYR D 6 26.51 12.93 8.15
CA TYR D 6 27.26 11.81 7.59
C TYR D 6 28.44 11.40 8.46
N GLU D 7 28.86 12.24 9.42
CA GLU D 7 29.99 11.88 10.28
C GLU D 7 29.63 10.70 11.18
N ASN D 8 28.44 10.71 11.77
CA ASN D 8 28.01 9.65 12.67
C ASN D 8 26.95 8.74 12.09
N ILE D 9 26.41 9.04 10.90
CA ILE D 9 25.36 8.25 10.28
C ILE D 9 25.91 7.67 8.99
N GLY D 10 25.91 6.35 8.87
CA GLY D 10 26.27 5.72 7.63
C GLY D 10 25.06 5.53 6.74
N TYR D 11 25.32 5.26 5.46
CA TYR D 11 24.22 4.95 4.57
C TYR D 11 24.70 4.05 3.46
N PHE D 12 23.80 3.17 3.02
CA PHE D 12 24.04 2.32 1.86
C PHE D 12 23.01 2.67 0.79
N SER D 13 23.48 3.03 -0.39
CA SER D 13 22.63 3.47 -1.48
C SER D 13 22.29 2.29 -2.39
N HIS D 14 21.18 2.45 -3.12
CA HIS D 14 20.73 1.46 -4.09
C HIS D 14 20.55 0.08 -3.45
N GLU D 15 19.99 0.07 -2.25
CA GLU D 15 19.65 -1.17 -1.57
C GLU D 15 18.23 -1.60 -1.94
N VAL D 16 17.92 -2.85 -1.60
CA VAL D 16 16.56 -3.37 -1.66
C VAL D 16 16.27 -4.02 -0.31
N ILE D 17 15.16 -3.63 0.31
CA ILE D 17 14.76 -4.25 1.57
C ILE D 17 14.27 -5.65 1.25
N SER D 18 15.10 -6.65 1.51
CA SER D 18 14.78 -8.02 1.18
C SER D 18 13.98 -8.72 2.28
N GLU D 19 14.25 -8.38 3.54
CA GLU D 19 13.58 -9.04 4.65
C GLU D 19 13.03 -8.02 5.63
N PHE D 20 11.86 -8.32 6.19
CA PHE D 20 11.19 -7.44 7.13
C PHE D 20 10.80 -8.25 8.36
N HIS D 21 11.06 -7.71 9.54
CA HIS D 21 10.67 -8.33 10.79
C HIS D 21 10.05 -7.28 11.71
N VAL D 22 9.00 -7.66 12.43
CA VAL D 22 8.40 -6.80 13.44
C VAL D 22 8.30 -7.60 14.74
N GLY D 23 8.46 -6.91 15.85
CA GLY D 23 8.36 -7.56 17.14
C GLY D 23 8.23 -6.54 18.25
N GLN D 24 8.39 -7.02 19.47
CA GLN D 24 8.38 -6.17 20.66
C GLN D 24 9.58 -6.51 21.52
N ILE D 25 10.26 -5.49 22.01
CA ILE D 25 11.37 -5.66 22.95
C ILE D 25 11.22 -4.64 24.07
N ASP D 26 11.28 -5.12 25.32
CA ASP D 26 11.22 -4.27 26.51
C ASP D 26 10.06 -3.29 26.46
N GLY D 27 8.88 -3.80 26.14
CA GLY D 27 7.70 -2.98 26.12
C GLY D 27 7.60 -2.00 24.97
N GLY D 28 8.41 -2.18 23.93
CA GLY D 28 8.36 -1.28 22.78
C GLY D 28 8.33 -2.01 21.46
N ALA D 29 7.43 -1.59 20.58
CA ALA D 29 7.39 -2.16 19.24
C ALA D 29 8.66 -1.79 18.47
N TYR D 30 9.13 -2.73 17.65
CA TYR D 30 10.31 -2.49 16.86
C TYR D 30 10.17 -3.23 15.53
N PHE D 31 10.90 -2.76 14.54
CA PHE D 31 10.99 -3.46 13.27
C PHE D 31 12.42 -3.42 12.77
N CYS D 32 12.84 -4.51 12.15
CA CYS D 32 14.17 -4.63 11.57
C CYS D 32 14.05 -4.95 10.08
N ILE D 33 14.92 -4.33 9.29
CA ILE D 33 14.97 -4.55 7.85
C ILE D 33 16.32 -5.14 7.50
N LYS D 34 16.31 -6.17 6.67
CA LYS D 34 17.50 -6.74 6.07
C LYS D 34 17.52 -6.31 4.61
N ALA D 35 18.57 -5.58 4.23
CA ALA D 35 18.68 -4.97 2.91
C ALA D 35 19.91 -5.47 2.19
N VAL D 36 19.78 -5.69 0.89
CA VAL D 36 20.86 -6.13 0.03
C VAL D 36 20.84 -5.27 -1.23
N LYS D 37 21.94 -5.33 -1.98
CA LYS D 37 21.93 -4.79 -3.33
C LYS D 37 20.95 -5.59 -4.19
N ALA D 38 20.36 -4.92 -5.18
CA ALA D 38 19.47 -5.62 -6.10
C ALA D 38 20.22 -6.74 -6.81
N ASP D 39 21.42 -6.46 -7.29
CA ASP D 39 22.31 -7.49 -7.81
C ASP D 39 23.13 -8.09 -6.66
N GLY D 40 23.63 -9.30 -6.89
CA GLY D 40 24.44 -9.95 -5.89
C GLY D 40 25.88 -9.46 -5.88
N SER D 41 26.10 -8.24 -5.41
CA SER D 41 27.43 -7.64 -5.41
C SER D 41 28.07 -7.57 -4.03
N ARG D 42 27.38 -6.95 -3.07
CA ARG D 42 28.00 -6.71 -1.76
C ARG D 42 28.13 -8.00 -0.96
N SER D 43 27.14 -8.89 -1.05
CA SER D 43 27.12 -10.23 -0.48
C SER D 43 26.98 -10.25 1.04
N THR D 44 27.01 -9.10 1.70
CA THR D 44 26.77 -9.02 3.14
C THR D 44 25.55 -8.14 3.37
N PRO D 45 24.53 -8.64 4.06
CA PRO D 45 23.32 -7.83 4.26
C PRO D 45 23.54 -6.72 5.26
N LEU D 46 22.80 -5.63 5.08
CA LEU D 46 22.73 -4.56 6.06
C LEU D 46 21.46 -4.75 6.88
N ILE D 47 21.62 -4.90 8.18
CA ILE D 47 20.49 -5.08 9.10
C ILE D 47 20.33 -3.79 9.88
N ALA D 48 19.17 -3.15 9.77
CA ALA D 48 18.91 -1.92 10.48
C ALA D 48 17.59 -2.04 11.22
N CYS D 49 17.59 -1.70 12.50
CA CYS D 49 16.40 -1.83 13.33
C CYS D 49 15.96 -0.45 13.82
N SER D 50 14.70 -0.38 14.22
CA SER D 50 14.11 0.82 14.80
C SER D 50 13.17 0.39 15.91
N VAL D 51 13.39 0.95 17.09
CA VAL D 51 12.61 0.65 18.29
C VAL D 51 11.78 1.88 18.64
N SER D 52 10.50 1.67 18.92
CA SER D 52 9.58 2.78 19.08
C SER D 52 9.80 3.54 20.39
N ASN D 53 10.33 2.89 21.42
CA ASN D 53 10.37 3.48 22.75
C ASN D 53 11.78 3.57 23.33
N GLU D 54 12.81 3.49 22.49
CA GLU D 54 14.17 3.55 23.02
C GLU D 54 15.08 4.17 21.98
N SER D 55 16.19 4.75 22.46
CA SER D 55 17.20 5.46 21.68
C SER D 55 16.68 6.83 21.23
N VAL D 56 17.57 7.65 20.69
CA VAL D 56 17.18 9.00 20.26
C VAL D 56 16.43 8.99 18.94
N TRP D 57 16.37 7.86 18.25
CA TRP D 57 15.73 7.76 16.95
C TRP D 57 14.29 7.28 17.04
N ALA D 58 13.75 7.15 18.25
CA ALA D 58 12.35 6.77 18.41
C ALA D 58 11.36 7.70 17.70
N PRO D 59 11.50 9.03 17.72
CA PRO D 59 10.46 9.87 17.11
C PRO D 59 10.19 9.57 15.64
N SER D 60 11.20 9.20 14.87
CA SER D 60 11.00 8.90 13.46
C SER D 60 10.44 7.50 13.22
N PHE D 61 10.43 6.64 14.25
CA PHE D 61 10.01 5.25 14.11
C PHE D 61 8.78 5.10 13.24
N LYS D 62 7.68 5.75 13.65
CA LYS D 62 6.40 5.55 12.99
C LYS D 62 6.49 5.87 11.50
N VAL D 63 7.17 6.96 11.14
CA VAL D 63 7.27 7.26 9.71
C VAL D 63 8.20 6.26 9.03
N LEU D 64 9.33 5.95 9.67
CA LEU D 64 10.31 5.07 9.04
C LEU D 64 9.70 3.72 8.71
N LEU D 65 9.05 3.11 9.71
CA LEU D 65 8.28 1.90 9.51
C LEU D 65 7.44 1.99 8.24
N GLU D 66 6.60 3.03 8.17
CA GLU D 66 5.74 3.18 7.00
C GLU D 66 6.57 3.18 5.72
N GLN D 67 7.59 4.04 5.67
CA GLN D 67 8.42 4.09 4.49
C GLN D 67 9.09 2.76 4.25
N ALA D 68 9.62 2.15 5.31
CA ALA D 68 10.25 0.84 5.16
C ALA D 68 9.28 -0.14 4.54
N ARG D 69 8.05 -0.15 5.05
CA ARG D 69 7.05 -1.08 4.51
C ARG D 69 6.87 -0.85 3.02
N TYR D 70 6.76 0.41 2.60
CA TYR D 70 6.66 0.69 1.17
C TYR D 70 7.84 0.08 0.44
N PHE D 71 9.06 0.39 0.88
CA PHE D 71 10.24 -0.11 0.19
C PHE D 71 10.35 -1.61 0.29
N TYR D 72 9.68 -2.23 1.27
CA TYR D 72 9.71 -3.68 1.35
C TYR D 72 8.75 -4.32 0.36
N VAL D 73 7.60 -3.71 0.11
CA VAL D 73 6.59 -4.38 -0.71
C VAL D 73 6.80 -4.11 -2.20
N THR D 74 7.69 -3.18 -2.56
CA THR D 74 7.94 -2.85 -3.95
C THR D 74 9.35 -3.19 -4.39
N GLU D 75 10.27 -3.40 -3.45
CA GLU D 75 11.71 -3.52 -3.74
C GLU D 75 12.19 -2.39 -4.65
N GLN D 76 11.68 -1.20 -4.41
CA GLN D 76 12.25 -0.02 -5.04
C GLN D 76 13.64 0.23 -4.46
N SER D 77 14.54 0.69 -5.32
CA SER D 77 15.89 1.01 -4.86
C SER D 77 15.83 2.07 -3.78
N VAL D 78 16.52 1.81 -2.67
CA VAL D 78 16.43 2.66 -1.49
C VAL D 78 17.83 2.89 -0.93
N ARG D 79 18.11 4.13 -0.58
CA ARG D 79 19.26 4.45 0.26
C ARG D 79 18.81 4.40 1.72
N ILE D 80 19.55 3.65 2.53
CA ILE D 80 19.21 3.41 3.92
C ILE D 80 20.26 4.08 4.80
N TYR D 81 19.80 4.97 5.67
CA TYR D 81 20.66 5.66 6.63
C TYR D 81 20.53 4.97 7.97
N TYR D 82 21.65 4.55 8.53
CA TYR D 82 21.70 3.82 9.78
C TYR D 82 22.68 4.48 10.73
N ASP D 83 22.40 4.34 12.03
CA ASP D 83 23.29 4.78 13.09
C ASP D 83 23.89 3.53 13.73
N HIS D 84 25.19 3.36 13.58
CA HIS D 84 25.88 2.20 14.12
C HIS D 84 26.11 2.37 15.62
N ASN D 85 26.13 1.24 16.33
CA ASN D 85 26.30 1.21 17.79
C ASN D 85 25.20 2.01 18.50
N VAL D 86 23.98 1.53 18.36
CA VAL D 86 22.83 2.11 19.04
C VAL D 86 22.19 1.11 20.00
N TRP D 87 21.92 -0.11 19.52
CA TRP D 87 21.31 -1.13 20.35
C TRP D 87 22.37 -1.79 21.22
N THR D 88 22.02 -2.04 22.48
CA THR D 88 22.94 -2.64 23.44
C THR D 88 22.47 -3.97 24.00
N ASN D 89 21.21 -4.35 23.79
CA ASN D 89 20.73 -5.64 24.24
C ASN D 89 21.48 -6.75 23.50
N GLN D 90 22.27 -7.52 24.23
CA GLN D 90 23.16 -8.49 23.59
C GLN D 90 22.42 -9.54 22.76
N PRO D 91 21.36 -10.19 23.24
CA PRO D 91 20.64 -11.12 22.34
C PRO D 91 20.05 -10.42 21.12
N PHE D 92 19.52 -9.21 21.30
CA PHE D 92 18.98 -8.46 20.17
C PHE D 92 20.09 -8.11 19.17
N VAL D 93 21.24 -7.66 19.67
CA VAL D 93 22.35 -7.29 18.80
C VAL D 93 22.87 -8.50 18.05
N ASN D 94 23.06 -9.62 18.76
CA ASN D 94 23.52 -10.84 18.12
C ASN D 94 22.52 -11.33 17.09
N THR D 95 21.23 -11.10 17.33
CA THR D 95 20.22 -11.43 16.32
C THR D 95 20.33 -10.51 15.11
N PHE D 96 20.12 -9.21 15.31
CA PHE D 96 20.03 -8.33 14.15
C PHE D 96 21.29 -7.52 13.89
N SER D 97 21.58 -6.57 14.78
CA SER D 97 22.66 -5.61 14.59
C SER D 97 22.69 -4.62 15.74
N THR D 98 23.69 -3.74 15.74
CA THR D 98 23.65 -2.52 16.54
C THR D 98 23.11 -1.34 15.74
N ASN D 99 22.81 -1.54 14.46
CA ASN D 99 22.44 -0.44 13.58
C ASN D 99 21.00 -0.01 13.84
N ALA D 100 20.82 1.29 14.05
CA ALA D 100 19.49 1.89 14.15
C ALA D 100 19.13 2.44 12.79
N LEU D 101 17.98 2.02 12.26
CA LEU D 101 17.47 2.62 11.03
C LEU D 101 17.02 4.04 11.32
N VAL D 102 17.70 5.01 10.71
CA VAL D 102 17.42 6.42 10.98
C VAL D 102 16.91 7.17 9.76
N GLY D 103 17.03 6.60 8.55
CA GLY D 103 16.55 7.32 7.39
C GLY D 103 16.36 6.41 6.20
N LEU D 104 15.48 6.83 5.30
CA LEU D 104 15.24 6.14 4.05
C LEU D 104 15.01 7.16 2.95
N SER D 105 15.60 6.91 1.79
CA SER D 105 15.36 7.75 0.63
C SER D 105 15.21 6.87 -0.61
N SER D 106 14.44 7.36 -1.56
CA SER D 106 14.30 6.65 -2.82
C SER D 106 15.54 6.86 -3.69
N CYS D 107 15.90 5.82 -4.43
CA CYS D 107 17.04 5.85 -5.33
C CYS D 107 16.53 5.67 -6.76
N SER D 108 16.14 6.79 -7.38
CA SER D 108 15.77 6.78 -8.78
C SER D 108 17.04 6.78 -9.63
N ALA D 109 17.11 5.83 -10.57
CA ALA D 109 18.30 5.58 -11.39
C ALA D 109 19.44 5.04 -10.53
N ALA D 110 20.35 4.30 -11.15
CA ALA D 110 21.41 3.61 -10.41
C ALA D 110 22.61 4.50 -10.11
N THR D 111 22.56 5.79 -10.48
CA THR D 111 23.70 6.68 -10.27
C THR D 111 23.52 7.62 -9.07
N ASP D 112 22.31 8.10 -8.82
CA ASP D 112 22.08 9.10 -7.78
C ASP D 112 20.93 8.67 -6.89
N CYS D 113 20.99 9.08 -5.63
CA CYS D 113 19.93 8.87 -4.67
C CYS D 113 19.55 10.19 -4.02
N PHE D 114 18.26 10.34 -3.72
CA PHE D 114 17.77 11.52 -3.03
C PHE D 114 18.25 11.52 -1.58
N GLY D 115 18.20 12.70 -0.97
CA GLY D 115 18.51 12.83 0.43
C GLY D 115 19.93 13.27 0.67
N PRO D 116 20.26 13.55 1.94
CA PRO D 116 21.61 14.00 2.27
C PRO D 116 22.65 12.92 2.00
N GLY D 117 23.84 13.37 1.60
CA GLY D 117 24.92 12.46 1.29
C GLY D 117 26.26 13.03 1.69
N LYS D 118 27.28 12.18 1.65
CA LYS D 118 28.63 12.62 1.95
C LYS D 118 29.13 13.59 0.89
N PRO D 119 29.94 14.59 1.28
CA PRO D 119 30.54 15.60 0.39
C PRO D 119 31.15 15.00 -0.87
N GLU E 1 -2.05 31.20 9.72
CA GLU E 1 -1.39 30.87 8.46
C GLU E 1 -2.28 30.02 7.57
N TRP E 2 -1.98 29.99 6.27
CA TRP E 2 -2.78 29.23 5.32
C TRP E 2 -1.92 28.84 4.14
N THR E 3 -2.21 27.66 3.59
CA THR E 3 -1.54 27.20 2.38
C THR E 3 -1.75 28.17 1.22
N GLY E 4 -2.89 28.84 1.17
CA GLY E 4 -3.19 29.81 0.12
C GLY E 4 -2.72 31.22 0.39
N ASP E 5 -1.84 31.42 1.37
CA ASP E 5 -1.37 32.75 1.70
C ASP E 5 -0.46 33.30 0.58
N SER E 6 -0.24 34.61 0.63
CA SER E 6 0.60 35.26 -0.37
C SER E 6 2.05 34.82 -0.23
N SER E 7 2.50 34.56 1.00
CA SER E 7 3.87 34.12 1.23
C SER E 7 4.14 32.72 0.74
N ILE E 8 3.11 31.97 0.36
CA ILE E 8 3.28 30.60 -0.10
C ILE E 8 3.46 30.60 -1.61
N ASN E 9 4.55 29.98 -2.07
CA ASN E 9 4.72 29.74 -3.49
C ASN E 9 4.18 28.36 -3.84
N TYR E 10 3.89 28.17 -5.12
CA TYR E 10 3.44 26.84 -5.55
C TYR E 10 3.96 26.56 -6.94
N TYR E 11 4.12 25.27 -7.23
CA TYR E 11 4.57 24.79 -8.52
C TYR E 11 3.60 23.72 -8.99
N SER E 12 3.00 23.93 -10.15
CA SER E 12 1.94 23.07 -10.66
C SER E 12 2.48 22.07 -11.68
N ASP E 13 1.67 21.05 -11.94
CA ASP E 13 2.00 20.01 -12.92
C ASP E 13 3.32 19.33 -12.59
N GLU E 14 3.57 19.11 -11.30
CA GLU E 14 4.76 18.42 -10.83
C GLU E 14 4.43 16.97 -10.52
N VAL E 15 5.46 16.13 -10.54
CA VAL E 15 5.37 14.74 -10.12
C VAL E 15 6.46 14.49 -9.09
N ILE E 16 6.07 13.94 -7.94
CA ILE E 16 7.05 13.60 -6.91
C ILE E 16 7.91 12.48 -7.45
N SER E 17 9.16 12.79 -7.76
CA SER E 17 10.10 11.81 -8.29
C SER E 17 10.93 11.14 -7.20
N ASP E 18 11.14 11.81 -6.07
CA ASP E 18 12.00 11.28 -5.02
C ASP E 18 11.39 11.55 -3.66
N PHE E 19 11.51 10.56 -2.77
CA PHE E 19 10.98 10.63 -1.42
C PHE E 19 12.07 10.29 -0.43
N HIS E 20 12.24 11.12 0.60
CA HIS E 20 13.21 10.87 1.65
C HIS E 20 12.54 11.07 3.00
N VAL E 21 12.83 10.17 3.94
CA VAL E 21 12.34 10.29 5.31
C VAL E 21 13.53 10.18 6.25
N GLY E 22 13.49 10.93 7.33
CA GLY E 22 14.53 10.87 8.32
C GLY E 22 14.10 11.52 9.62
N GLN E 23 15.08 11.74 10.49
CA GLN E 23 14.85 12.46 11.72
C GLN E 23 15.83 13.61 11.81
N PHE E 24 15.32 14.81 12.06
CA PHE E 24 16.13 15.99 12.31
C PHE E 24 15.81 16.51 13.71
N ASN E 25 16.86 16.72 14.50
CA ASN E 25 16.72 17.09 15.91
C ASN E 25 15.87 16.06 16.63
N ARG E 26 14.65 16.43 17.02
CA ARG E 26 13.74 15.50 17.68
C ARG E 26 12.48 15.26 16.87
N SER E 27 12.48 15.64 15.59
CA SER E 27 11.28 15.57 14.77
C SER E 27 11.51 14.68 13.56
N ALA E 28 10.56 13.79 13.31
CA ALA E 28 10.51 13.07 12.05
C ALA E 28 10.25 14.07 10.93
N TYR E 29 10.90 13.87 9.79
CA TYR E 29 10.74 14.76 8.66
C TYR E 29 10.72 13.95 7.38
N PHE E 30 10.12 14.54 6.34
CA PHE E 30 10.04 13.89 5.00
C PHE E 30 10.18 14.97 3.91
N CYS E 31 11.10 14.76 2.96
CA CYS E 31 11.30 15.72 1.88
C CYS E 31 10.87 15.05 0.60
N ILE E 32 10.42 15.84 -0.31
CA ILE E 32 10.02 15.32 -1.63
C ILE E 32 10.82 16.07 -2.65
N LYS E 33 11.11 15.41 -3.73
CA LYS E 33 11.76 16.11 -4.83
C LYS E 33 10.77 15.99 -5.95
N THR E 34 10.36 17.08 -6.54
CA THR E 34 9.35 16.95 -7.59
C THR E 34 9.90 17.54 -8.86
N VAL E 35 9.61 16.91 -9.97
CA VAL E 35 10.00 17.42 -11.33
C VAL E 35 8.76 17.74 -12.11
N LYS E 36 8.88 18.52 -13.17
CA LYS E 36 7.72 18.86 -14.03
C LYS E 36 7.26 17.61 -14.76
N LYS E 37 5.96 17.31 -14.71
CA LYS E 37 5.36 16.12 -15.39
C LYS E 37 5.70 16.15 -16.89
N SER E 38 5.82 17.36 -17.49
CA SER E 38 6.30 17.69 -18.85
C SER E 38 7.83 17.87 -18.81
N GLY E 39 8.55 16.90 -18.23
CA GLY E 39 10.02 16.84 -18.02
C GLY E 39 10.82 18.10 -18.34
N GLU E 40 10.83 19.12 -17.47
CA GLU E 40 11.60 20.38 -17.74
C GLU E 40 11.74 21.30 -16.51
N GLY E 41 12.90 21.93 -16.29
CA GLY E 41 13.00 22.89 -15.17
C GLY E 41 13.88 22.39 -14.05
N THR E 42 14.01 23.16 -12.97
CA THR E 42 14.84 22.63 -11.85
C THR E 42 13.90 21.96 -10.85
N PRO E 43 14.27 20.80 -10.28
CA PRO E 43 13.43 20.10 -9.31
C PRO E 43 13.13 20.93 -8.07
N ILE E 44 11.91 20.86 -7.61
CA ILE E 44 11.49 21.53 -6.35
C ILE E 44 11.72 20.53 -5.23
N ILE E 45 12.33 20.96 -4.15
CA ILE E 45 12.51 20.13 -2.94
C ILE E 45 11.74 20.82 -1.85
N ALA E 46 10.89 20.12 -1.14
CA ALA E 46 10.16 20.71 -0.01
C ALA E 46 10.16 19.68 1.08
N CYS E 47 10.27 20.11 2.30
CA CYS E 47 10.35 19.20 3.44
C CYS E 47 9.32 19.59 4.45
N ALA E 48 8.90 18.66 5.24
CA ALA E 48 8.01 18.94 6.36
C ALA E 48 8.65 18.27 7.57
N LEU E 49 8.67 18.92 8.71
CA LEU E 49 9.14 18.37 9.98
C LEU E 49 7.98 18.20 10.93
N SER E 50 7.99 17.11 11.70
CA SER E 50 6.85 16.77 12.54
C SER E 50 6.74 17.67 13.77
N HIS E 51 7.86 18.20 14.25
CA HIS E 51 7.88 18.97 15.48
C HIS E 51 8.68 20.26 15.33
N ASP E 52 8.64 20.85 14.14
CA ASP E 52 9.33 22.12 13.89
C ASP E 52 8.46 22.99 13.00
N SER E 53 8.65 24.30 13.12
CA SER E 53 7.97 25.32 12.32
C SER E 53 6.49 25.39 12.64
N LYS E 54 5.79 26.30 11.98
CA LYS E 54 4.36 26.52 12.19
C LYS E 54 3.50 25.53 11.42
N TRP E 55 4.09 24.67 10.60
CA TRP E 55 3.35 23.70 9.81
C TRP E 55 3.32 22.32 10.46
N ILE E 56 3.52 22.26 11.77
CA ILE E 56 3.37 21.00 12.50
C ILE E 56 1.99 20.38 12.34
N PRO E 57 0.87 21.12 12.46
CA PRO E 57 -0.45 20.46 12.41
C PRO E 57 -0.71 19.70 11.12
N SER E 58 -0.13 20.12 10.00
CA SER E 58 -0.39 19.47 8.73
C SER E 58 0.66 18.43 8.35
N PHE E 59 1.59 18.10 9.25
CA PHE E 59 2.68 17.20 8.89
C PHE E 59 2.17 15.82 8.51
N ASN E 60 1.25 15.26 9.31
CA ASN E 60 0.80 13.90 9.05
C ASN E 60 -0.02 13.81 7.77
N ILE E 61 -0.93 14.75 7.57
CA ILE E 61 -1.75 14.76 6.37
C ILE E 61 -0.87 15.00 5.14
N MET E 62 0.16 15.84 5.29
CA MET E 62 1.05 16.12 4.17
C MET E 62 1.91 14.91 3.84
N LEU E 63 2.39 14.21 4.87
CA LEU E 63 3.17 12.99 4.64
C LEU E 63 2.32 11.93 3.94
N GLU E 64 1.08 11.75 4.41
CA GLU E 64 0.20 10.76 3.80
C GLU E 64 -0.09 11.12 2.35
N GLN E 65 -0.38 12.39 2.07
CA GLN E 65 -0.72 12.79 0.71
C GLN E 65 0.49 12.74 -0.20
N ALA E 66 1.67 13.10 0.31
CA ALA E 66 2.89 13.01 -0.48
C ALA E 66 3.21 11.57 -0.81
N ARG E 67 3.02 10.67 0.17
CA ARG E 67 3.20 9.25 -0.09
C ARG E 67 2.23 8.76 -1.16
N ASN E 68 0.96 9.17 -1.06
CA ASN E 68 -0.05 8.77 -2.04
C ASN E 68 0.32 9.27 -3.43
N PHE E 69 0.67 10.54 -3.55
CA PHE E 69 1.03 11.14 -4.83
C PHE E 69 2.32 10.56 -5.40
N TYR E 70 3.27 10.22 -4.56
CA TYR E 70 4.51 9.58 -4.99
C TYR E 70 4.25 8.17 -5.52
N ILE E 71 3.41 7.40 -4.82
CA ILE E 71 3.14 6.04 -5.25
C ILE E 71 2.31 6.03 -6.53
N THR E 72 1.30 6.89 -6.62
CA THR E 72 0.45 6.93 -7.80
C THR E 72 1.09 7.70 -8.96
N GLY E 73 2.17 8.43 -8.72
CA GLY E 73 2.77 9.23 -9.77
C GLY E 73 1.85 10.31 -10.31
N HIS E 74 0.98 10.84 -9.47
CA HIS E 74 0.00 11.82 -9.91
C HIS E 74 0.66 13.16 -10.22
N SER E 75 0.09 13.87 -11.19
CA SER E 75 0.49 15.24 -11.46
C SER E 75 -0.13 16.13 -10.40
N ILE E 76 0.71 16.81 -9.62
CA ILE E 76 0.25 17.56 -8.46
C ILE E 76 0.84 18.97 -8.49
N ARG E 77 0.19 19.85 -7.74
CA ARG E 77 0.71 21.17 -7.41
C ARG E 77 1.23 21.13 -5.98
N VAL E 78 2.46 21.61 -5.79
CA VAL E 78 3.14 21.60 -4.51
C VAL E 78 3.21 23.03 -3.99
N TYR E 79 2.68 23.24 -2.79
CA TYR E 79 2.73 24.54 -2.12
C TYR E 79 3.83 24.49 -1.08
N VAL E 80 4.82 25.37 -1.24
CA VAL E 80 5.97 25.46 -0.35
C VAL E 80 6.04 26.87 0.23
N GLN E 81 6.57 26.95 1.45
CA GLN E 81 6.98 28.22 2.03
C GLN E 81 8.50 28.27 2.07
N PRO E 82 9.13 29.19 1.34
CA PRO E 82 10.60 29.24 1.36
C PRO E 82 11.13 29.80 2.68
N ASN E 83 12.40 29.48 2.95
CA ASN E 83 13.14 30.03 4.09
C ASN E 83 12.45 29.70 5.41
N VAL E 84 12.13 28.42 5.59
CA VAL E 84 11.56 27.94 6.84
C VAL E 84 12.59 27.18 7.67
N TRP E 85 13.34 26.28 7.04
CA TRP E 85 14.38 25.53 7.72
C TRP E 85 15.67 26.35 7.70
N SER E 86 16.30 26.47 8.87
CA SER E 86 17.46 27.33 9.03
C SER E 86 18.76 26.58 9.21
N ASN E 87 18.73 25.30 9.56
CA ASN E 87 19.95 24.52 9.68
C ASN E 87 20.65 24.43 8.34
N LYS E 88 21.90 24.91 8.28
CA LYS E 88 22.54 25.08 6.98
C LYS E 88 22.78 23.74 6.29
N SER E 89 23.29 22.75 7.03
CA SER E 89 23.56 21.44 6.44
C SER E 89 22.28 20.83 5.87
N PHE E 90 21.17 20.98 6.60
CA PHE E 90 19.88 20.55 6.07
C PHE E 90 19.52 21.31 4.80
N ILE E 91 19.89 22.59 4.73
CA ILE E 91 19.52 23.42 3.58
C ILE E 91 20.26 22.97 2.33
N GLU E 92 21.59 22.82 2.41
CA GLU E 92 22.31 22.30 1.25
C GLU E 92 21.91 20.86 0.94
N ALA E 93 21.67 20.05 1.96
CA ALA E 93 21.31 18.65 1.72
C ALA E 93 19.99 18.54 0.99
N LEU E 94 18.93 19.18 1.50
CA LEU E 94 17.65 19.05 0.83
C LEU E 94 17.09 20.38 0.33
N SER E 95 16.76 21.29 1.24
CA SER E 95 16.14 22.57 0.88
C SER E 95 15.86 23.36 2.15
N SER E 96 15.41 24.61 1.97
CA SER E 96 14.81 25.39 3.03
C SER E 96 13.30 25.52 2.86
N ASN E 97 12.75 24.98 1.78
CA ASN E 97 11.31 25.08 1.51
C ASN E 97 10.54 24.14 2.42
N ALA E 98 9.50 24.65 3.05
CA ALA E 98 8.59 23.83 3.84
C ALA E 98 7.42 23.40 2.96
N LEU E 99 7.18 22.09 2.89
CA LEU E 99 6.03 21.58 2.15
C LEU E 99 4.76 21.86 2.94
N VAL E 100 3.96 22.82 2.47
CA VAL E 100 2.80 23.27 3.21
C VAL E 100 1.48 22.90 2.54
N GLY E 101 1.51 22.42 1.29
CA GLY E 101 0.27 22.04 0.65
C GLY E 101 0.51 21.13 -0.54
N LEU E 102 -0.50 20.31 -0.83
CA LEU E 102 -0.50 19.48 -2.02
C LEU E 102 -1.90 19.48 -2.62
N SER E 103 -1.97 19.60 -3.94
CA SER E 103 -3.24 19.53 -4.64
C SER E 103 -3.07 18.71 -5.91
N SER E 104 -4.18 18.18 -6.42
CA SER E 104 -4.15 17.43 -7.66
C SER E 104 -4.17 18.37 -8.86
N CYS E 105 -3.30 18.08 -9.83
CA CYS E 105 -3.25 18.81 -11.09
C CYS E 105 -3.86 17.96 -12.19
N SER E 106 -4.86 18.50 -12.87
CA SER E 106 -5.46 17.82 -14.01
C SER E 106 -4.80 18.30 -15.30
N THR E 107 -5.26 17.76 -16.43
CA THR E 107 -4.68 18.14 -17.71
C THR E 107 -4.95 19.60 -18.04
N SER E 108 -6.02 20.18 -17.49
CA SER E 108 -6.38 21.57 -17.76
C SER E 108 -5.98 22.49 -16.62
N GLU E 109 -6.43 22.21 -15.40
CA GLU E 109 -6.17 23.05 -14.25
C GLU E 109 -5.92 22.19 -13.02
N CYS E 110 -5.33 22.79 -11.99
CA CYS E 110 -5.15 22.13 -10.71
C CYS E 110 -6.09 22.72 -9.65
N PHE E 111 -6.43 21.88 -8.68
CA PHE E 111 -7.23 22.26 -7.55
C PHE E 111 -6.40 23.10 -6.58
N GLY E 112 -7.09 23.71 -5.62
CA GLY E 112 -6.42 24.43 -4.56
C GLY E 112 -6.33 25.92 -4.83
N PRO E 113 -5.93 26.68 -3.80
CA PRO E 113 -5.83 28.13 -3.95
C PRO E 113 -4.73 28.53 -4.93
N VAL E 114 -4.95 29.68 -5.57
CA VAL E 114 -4.00 30.23 -6.53
C VAL E 114 -3.68 31.67 -6.13
N LYS E 115 -2.56 32.16 -6.64
CA LYS E 115 -2.12 33.53 -6.35
C LYS E 115 -2.64 34.49 -7.40
N GLU F 1 -25.86 16.85 16.20
CA GLU F 1 -25.57 16.98 14.78
C GLU F 1 -25.32 15.62 14.13
N TRP F 2 -25.66 15.52 12.84
CA TRP F 2 -25.53 14.28 12.11
C TRP F 2 -25.50 14.59 10.62
N THR F 3 -24.76 13.78 9.87
CA THR F 3 -24.67 13.96 8.42
C THR F 3 -26.00 13.70 7.72
N GLY F 4 -26.93 13.03 8.40
CA GLY F 4 -28.27 12.81 7.87
C GLY F 4 -29.27 13.87 8.24
N ASP F 5 -28.85 14.98 8.84
CA ASP F 5 -29.77 16.03 9.24
C ASP F 5 -30.29 16.78 8.02
N SER F 6 -31.34 17.58 8.25
CA SER F 6 -31.91 18.38 7.18
C SER F 6 -30.99 19.52 6.77
N SER F 7 -30.14 19.99 7.69
CA SER F 7 -29.18 21.03 7.37
C SER F 7 -28.07 20.55 6.44
N ILE F 8 -27.95 19.25 6.22
CA ILE F 8 -26.89 18.69 5.39
C ILE F 8 -27.44 18.45 3.99
N ASN F 9 -26.79 19.04 3.00
CA ASN F 9 -27.07 18.70 1.62
C ASN F 9 -26.21 17.51 1.20
N TYR F 10 -26.65 16.82 0.15
CA TYR F 10 -25.84 15.75 -0.39
C TYR F 10 -25.99 15.70 -1.90
N TYR F 11 -24.93 15.25 -2.56
CA TYR F 11 -24.92 15.07 -4.01
C TYR F 11 -24.48 13.65 -4.30
N SER F 12 -25.32 12.92 -5.03
CA SER F 12 -25.10 11.51 -5.32
C SER F 12 -24.46 11.33 -6.68
N ASP F 13 -23.93 10.13 -6.91
CA ASP F 13 -23.29 9.75 -8.17
C ASP F 13 -22.14 10.69 -8.51
N GLU F 14 -21.41 11.13 -7.49
CA GLU F 14 -20.24 11.96 -7.67
C GLU F 14 -18.98 11.11 -7.76
N VAL F 15 -17.96 11.66 -8.40
CA VAL F 15 -16.62 11.10 -8.41
C VAL F 15 -15.66 12.18 -7.96
N ILE F 16 -14.85 11.88 -6.95
CA ILE F 16 -13.85 12.83 -6.49
C ILE F 16 -12.82 13.01 -7.59
N SER F 17 -12.82 14.20 -8.21
CA SER F 17 -11.92 14.47 -9.32
C SER F 17 -10.66 15.21 -8.90
N ASP F 18 -10.71 16.00 -7.84
CA ASP F 18 -9.56 16.78 -7.40
C ASP F 18 -9.41 16.69 -5.89
N PHE F 19 -8.18 16.56 -5.43
CA PHE F 19 -7.85 16.45 -4.02
C PHE F 19 -6.82 17.51 -3.66
N HIS F 20 -7.05 18.23 -2.57
CA HIS F 20 -6.11 19.22 -2.08
C HIS F 20 -5.98 19.09 -0.58
N VAL F 21 -4.76 19.25 -0.07
CA VAL F 21 -4.54 19.26 1.37
C VAL F 21 -3.68 20.46 1.72
N GLY F 22 -3.83 20.93 2.95
CA GLY F 22 -3.04 22.06 3.40
C GLY F 22 -3.25 22.32 4.87
N GLN F 23 -2.79 23.49 5.30
CA GLN F 23 -2.95 23.94 6.67
C GLN F 23 -3.61 25.31 6.66
N PHE F 24 -4.57 25.50 7.57
CA PHE F 24 -5.29 26.76 7.72
C PHE F 24 -5.43 27.03 9.21
N ASN F 25 -4.71 28.05 9.70
CA ASN F 25 -4.76 28.51 11.08
C ASN F 25 -4.70 27.34 12.07
N ARG F 26 -3.57 26.64 12.04
CA ARG F 26 -3.24 25.53 12.92
C ARG F 26 -4.13 24.31 12.70
N SER F 27 -4.91 24.28 11.62
CA SER F 27 -5.80 23.16 11.33
C SER F 27 -5.35 22.50 10.03
N ALA F 28 -5.04 21.21 10.09
CA ALA F 28 -4.89 20.46 8.86
C ALA F 28 -6.24 20.38 8.17
N TYR F 29 -6.26 20.63 6.86
CA TYR F 29 -7.52 20.61 6.13
C TYR F 29 -7.32 19.90 4.81
N PHE F 30 -8.41 19.32 4.30
CA PHE F 30 -8.42 18.76 2.96
C PHE F 30 -9.71 19.14 2.27
N CYS F 31 -9.60 19.44 0.98
CA CYS F 31 -10.74 19.77 0.13
C CYS F 31 -10.81 18.79 -1.02
N ILE F 32 -12.03 18.42 -1.40
CA ILE F 32 -12.28 17.55 -2.53
C ILE F 32 -13.20 18.26 -3.50
N LYS F 33 -12.87 18.18 -4.79
CA LYS F 33 -13.73 18.65 -5.87
C LYS F 33 -14.27 17.42 -6.58
N THR F 34 -15.59 17.26 -6.54
CA THR F 34 -16.27 16.12 -7.12
C THR F 34 -17.15 16.59 -8.27
N VAL F 35 -17.25 15.77 -9.30
CA VAL F 35 -18.06 16.08 -10.47
C VAL F 35 -19.00 14.92 -10.74
N LYS F 36 -20.14 15.23 -11.37
CA LYS F 36 -21.02 14.18 -11.86
C LYS F 36 -20.33 13.35 -12.92
N LYS F 37 -20.50 12.04 -12.85
CA LYS F 37 -19.94 11.17 -13.88
C LYS F 37 -20.61 11.47 -15.22
N SER F 38 -19.79 11.48 -16.28
CA SER F 38 -20.12 11.93 -17.63
C SER F 38 -20.21 13.45 -17.74
N GLY F 39 -19.85 14.19 -16.69
CA GLY F 39 -19.72 15.62 -16.78
C GLY F 39 -21.02 16.41 -16.93
N GLU F 40 -21.84 16.43 -15.89
CA GLU F 40 -23.07 17.22 -15.88
C GLU F 40 -22.85 18.64 -15.40
N GLY F 41 -21.61 19.03 -15.09
CA GLY F 41 -21.30 20.40 -14.75
C GLY F 41 -21.36 20.67 -13.26
N THR F 42 -21.14 21.96 -12.93
CA THR F 42 -21.15 22.57 -11.60
C THR F 42 -20.43 21.68 -10.58
N PRO F 43 -19.11 21.60 -10.63
CA PRO F 43 -18.38 20.75 -9.68
C PRO F 43 -18.56 21.25 -8.25
N ILE F 44 -18.62 20.30 -7.32
CA ILE F 44 -18.92 20.58 -5.93
C ILE F 44 -17.65 20.43 -5.10
N ILE F 45 -17.32 21.45 -4.34
CA ILE F 45 -16.11 21.48 -3.53
C ILE F 45 -16.50 21.43 -2.06
N ALA F 46 -15.90 20.48 -1.33
CA ALA F 46 -16.18 20.28 0.08
C ALA F 46 -14.88 20.17 0.84
N CYS F 47 -14.77 20.92 1.94
CA CYS F 47 -13.55 20.94 2.74
C CYS F 47 -13.83 20.47 4.16
N ALA F 48 -12.80 19.93 4.79
CA ALA F 48 -12.86 19.53 6.19
C ALA F 48 -11.58 20.01 6.88
N LEU F 49 -11.75 20.61 8.06
CA LEU F 49 -10.64 21.12 8.85
C LEU F 49 -10.49 20.26 10.10
N SER F 50 -9.24 20.00 10.50
CA SER F 50 -8.99 19.09 11.60
C SER F 50 -9.31 19.71 12.95
N HIS F 51 -9.19 21.04 13.08
CA HIS F 51 -9.38 21.71 14.36
C HIS F 51 -10.33 22.89 14.24
N ASP F 52 -11.36 22.77 13.41
CA ASP F 52 -12.38 23.81 13.28
C ASP F 52 -13.72 23.17 13.00
N SER F 53 -14.79 23.90 13.37
CA SER F 53 -16.17 23.50 13.17
C SER F 53 -16.56 22.31 14.04
N LYS F 54 -17.86 22.01 14.10
CA LYS F 54 -18.36 20.88 14.89
C LYS F 54 -18.01 19.53 14.25
N TRP F 55 -17.54 19.52 13.01
CA TRP F 55 -17.20 18.30 12.31
C TRP F 55 -15.75 17.88 12.54
N ILE F 56 -15.15 18.35 13.64
CA ILE F 56 -13.79 17.92 14.00
C ILE F 56 -13.70 16.41 14.19
N PRO F 57 -14.60 15.74 14.93
CA PRO F 57 -14.37 14.31 15.24
C PRO F 57 -14.29 13.42 14.03
N SER F 58 -14.92 13.78 12.92
CA SER F 58 -14.95 12.92 11.74
C SER F 58 -13.90 13.33 10.70
N PHE F 59 -12.97 14.21 11.04
CA PHE F 59 -12.00 14.70 10.06
C PHE F 59 -11.12 13.56 9.53
N ASN F 60 -10.62 12.71 10.44
CA ASN F 60 -9.69 11.67 10.02
C ASN F 60 -10.38 10.58 9.21
N ILE F 61 -11.55 10.14 9.68
CA ILE F 61 -12.30 9.13 8.92
C ILE F 61 -12.72 9.68 7.57
N MET F 62 -13.15 10.95 7.52
CA MET F 62 -13.53 11.55 6.25
C MET F 62 -12.34 11.67 5.32
N LEU F 63 -11.18 12.02 5.86
CA LEU F 63 -9.97 12.15 5.03
C LEU F 63 -9.57 10.80 4.44
N GLU F 64 -9.55 9.76 5.27
CA GLU F 64 -9.20 8.43 4.76
C GLU F 64 -10.22 7.95 3.73
N GLN F 65 -11.52 8.17 3.99
CA GLN F 65 -12.53 7.72 3.05
C GLN F 65 -12.46 8.49 1.73
N ALA F 66 -12.20 9.81 1.82
CA ALA F 66 -12.06 10.61 0.61
C ALA F 66 -10.84 10.18 -0.19
N ARG F 67 -9.74 9.86 0.50
CA ARG F 67 -8.56 9.34 -0.19
C ARG F 67 -8.87 8.02 -0.88
N ASN F 68 -9.58 7.12 -0.19
CA ASN F 68 -9.91 5.83 -0.79
C ASN F 68 -10.80 6.00 -2.01
N PHE F 69 -11.81 6.88 -1.92
CA PHE F 69 -12.70 7.12 -3.05
C PHE F 69 -12.00 7.82 -4.20
N TYR F 70 -11.05 8.70 -3.91
CA TYR F 70 -10.24 9.31 -4.97
C TYR F 70 -9.37 8.26 -5.64
N ILE F 71 -8.82 7.33 -4.85
CA ILE F 71 -7.98 6.27 -5.41
C ILE F 71 -8.80 5.38 -6.33
N THR F 72 -9.97 4.95 -5.88
CA THR F 72 -10.79 4.04 -6.69
C THR F 72 -11.58 4.76 -7.79
N GLY F 73 -11.80 6.07 -7.65
CA GLY F 73 -12.63 6.77 -8.60
C GLY F 73 -14.07 6.30 -8.63
N HIS F 74 -14.50 5.62 -7.58
CA HIS F 74 -15.82 5.01 -7.52
C HIS F 74 -16.90 6.06 -7.29
N SER F 75 -18.05 5.86 -7.93
CA SER F 75 -19.17 6.79 -7.78
C SER F 75 -19.64 6.81 -6.33
N ILE F 76 -19.77 8.02 -5.78
CA ILE F 76 -20.04 8.19 -4.35
C ILE F 76 -20.98 9.36 -4.15
N ARG F 77 -21.59 9.40 -2.96
CA ARG F 77 -22.40 10.52 -2.51
C ARG F 77 -21.63 11.32 -1.48
N VAL F 78 -21.60 12.64 -1.66
CA VAL F 78 -20.92 13.56 -0.78
C VAL F 78 -21.95 14.32 0.04
N TYR F 79 -21.80 14.30 1.36
CA TYR F 79 -22.64 15.05 2.29
C TYR F 79 -21.87 16.28 2.75
N VAL F 80 -22.40 17.45 2.45
CA VAL F 80 -21.78 18.73 2.79
C VAL F 80 -22.73 19.53 3.68
N GLN F 81 -22.14 20.39 4.51
CA GLN F 81 -22.89 21.42 5.22
C GLN F 81 -22.50 22.78 4.67
N PRO F 82 -23.41 23.51 4.03
CA PRO F 82 -23.08 24.83 3.51
C PRO F 82 -22.81 25.84 4.61
N ASN F 83 -22.01 26.85 4.27
CA ASN F 83 -21.79 28.03 5.13
C ASN F 83 -21.20 27.63 6.49
N VAL F 84 -20.17 26.80 6.45
CA VAL F 84 -19.44 26.41 7.65
C VAL F 84 -18.15 27.20 7.79
N TRP F 85 -17.39 27.33 6.70
CA TRP F 85 -16.18 28.13 6.70
C TRP F 85 -16.53 29.58 6.37
N SER F 86 -15.87 30.51 7.05
CA SER F 86 -16.19 31.92 6.93
C SER F 86 -15.04 32.77 6.42
N ASN F 87 -13.84 32.24 6.33
CA ASN F 87 -12.70 33.01 5.84
C ASN F 87 -12.87 33.27 4.33
N LYS F 88 -12.94 34.55 3.97
CA LYS F 88 -13.30 34.92 2.60
C LYS F 88 -12.31 34.35 1.59
N SER F 89 -11.01 34.46 1.88
CA SER F 89 -10.01 33.92 0.97
C SER F 89 -10.16 32.41 0.81
N PHE F 90 -10.39 31.71 1.92
CA PHE F 90 -10.64 30.27 1.86
C PHE F 90 -11.93 29.98 1.10
N ILE F 91 -12.95 30.82 1.27
CA ILE F 91 -14.24 30.59 0.61
C ILE F 91 -14.09 30.68 -0.90
N GLU F 92 -13.49 31.77 -1.39
CA GLU F 92 -13.35 31.92 -2.83
C GLU F 92 -12.33 30.95 -3.40
N ALA F 93 -11.30 30.60 -2.63
CA ALA F 93 -10.32 29.63 -3.11
C ALA F 93 -10.95 28.26 -3.31
N LEU F 94 -11.62 27.73 -2.29
CA LEU F 94 -12.17 26.39 -2.43
C LEU F 94 -13.70 26.35 -2.32
N SER F 95 -14.24 26.66 -1.14
CA SER F 95 -15.67 26.64 -0.90
C SER F 95 -15.94 26.99 0.56
N SER F 96 -17.22 27.12 0.90
CA SER F 96 -17.67 27.20 2.27
C SER F 96 -18.28 25.90 2.76
N ASN F 97 -18.44 24.92 1.88
CA ASN F 97 -19.07 23.66 2.26
C ASN F 97 -18.14 22.83 3.12
N ALA F 98 -18.67 22.27 4.20
CA ALA F 98 -17.93 21.34 5.04
C ALA F 98 -18.24 19.91 4.61
N LEU F 99 -17.20 19.16 4.26
CA LEU F 99 -17.39 17.74 3.97
C LEU F 99 -17.71 17.01 5.26
N VAL F 100 -18.94 16.52 5.37
CA VAL F 100 -19.40 15.87 6.60
C VAL F 100 -19.78 14.41 6.40
N GLY F 101 -19.88 13.92 5.17
CA GLY F 101 -20.22 12.53 4.97
C GLY F 101 -19.81 12.04 3.60
N LEU F 102 -19.56 10.73 3.51
CA LEU F 102 -19.27 10.08 2.25
C LEU F 102 -19.93 8.72 2.25
N SER F 103 -20.60 8.37 1.16
CA SER F 103 -21.22 7.06 1.05
C SER F 103 -20.96 6.48 -0.34
N SER F 104 -20.77 5.20 -0.42
CA SER F 104 -20.64 4.49 -1.71
C SER F 104 -21.94 4.63 -2.50
N CYS F 105 -21.85 4.95 -3.77
CA CYS F 105 -23.09 4.99 -4.57
C CYS F 105 -23.06 3.81 -5.54
N SER F 106 -23.66 2.68 -5.22
CA SER F 106 -23.64 1.58 -6.22
C SER F 106 -24.88 1.64 -7.11
N THR F 107 -24.71 2.28 -8.27
CA THR F 107 -25.60 2.59 -9.44
C THR F 107 -27.10 2.40 -9.25
N SER F 108 -27.60 1.27 -8.74
CA SER F 108 -29.07 1.14 -8.53
C SER F 108 -29.53 2.22 -7.55
N GLU F 109 -29.14 2.06 -6.28
CA GLU F 109 -29.43 3.05 -5.23
C GLU F 109 -28.10 3.72 -4.86
N CYS F 110 -28.07 4.29 -3.69
CA CYS F 110 -26.84 4.80 -3.11
C CYS F 110 -26.97 4.82 -1.61
N PHE F 111 -25.94 4.31 -0.93
CA PHE F 111 -25.97 4.11 0.51
C PHE F 111 -26.04 5.44 1.25
N GLY F 112 -26.41 5.38 2.53
CA GLY F 112 -26.42 6.54 3.38
C GLY F 112 -27.78 7.20 3.50
N PRO F 113 -27.89 8.18 4.40
CA PRO F 113 -29.17 8.86 4.61
C PRO F 113 -29.60 9.67 3.40
N VAL F 114 -30.92 9.72 3.21
CA VAL F 114 -31.55 10.43 2.10
C VAL F 114 -32.61 11.37 2.65
N LYS F 115 -33.32 12.03 1.75
CA LYS F 115 -34.39 12.95 2.14
C LYS F 115 -35.76 12.31 1.96
#